data_8A4X
#
_entry.id   8A4X
#
_cell.length_a   56.950
_cell.length_b   62.250
_cell.length_c   67.110
_cell.angle_alpha   105.472
_cell.angle_beta   93.522
_cell.angle_gamma   116.065
#
_symmetry.space_group_name_H-M   'P 1'
#
loop_
_entity.id
_entity.type
_entity.pdbx_description
1 polymer 'Cathepsin L'
2 non-polymer '(phenylmethyl) N-[(2S)-3-methyl-1-oxidanylidene-1-[[(2S)-1-oxidanyl-3-phenyl-propan-2-yl]amino]butan-2-yl]carbamate'
3 non-polymer DI(HYDROXYETHYL)ETHER
4 non-polymer 'TRIETHYLENE GLYCOL'
5 non-polymer 'TETRAETHYLENE GLYCOL'
6 non-polymer 'HEXAETHYLENE GLYCOL'
7 water water
#
_entity_poly.entity_id   1
_entity_poly.type   'polypeptide(L)'
_entity_poly.pdbx_seq_one_letter_code
;APRSVDWREKGYVTPVKNQGQCGSCWAFSATGALEGQMFRKTGRLISLSEQNLVDCSGPQGNEGCNGGLMDYAFQYVQDN
GGLDSEESYPYEATEESCKYNPKYSVANDAGFVDIPKQEKALMKAVATVGPISVAIDAGHESFLFYKEGIYFEPDCSSED
MDHGVLVVGYGFESTESDNNKYWLVKNSWGEEWGMGGYVKMAKDRRNHCGIASAASYPTV
;
_entity_poly.pdbx_strand_id   A,B,C,D
#
loop_
_chem_comp.id
_chem_comp.type
_chem_comp.name
_chem_comp.formula
L3F non-polymer '(phenylmethyl) N-[(2S)-3-methyl-1-oxidanylidene-1-[[(2S)-1-oxidanyl-3-phenyl-propan-2-yl]amino]butan-2-yl]carbamate' 'C22 H28 N2 O4'
P6G non-polymer 'HEXAETHYLENE GLYCOL' 'C12 H26 O7'
PEG non-polymer DI(HYDROXYETHYL)ETHER 'C4 H10 O3'
PG4 non-polymer 'TETRAETHYLENE GLYCOL' 'C8 H18 O5'
PGE non-polymer 'TRIETHYLENE GLYCOL' 'C6 H14 O4'
#
# COMPACT_ATOMS: atom_id res chain seq x y z
N ALA A 1 -8.53 3.37 20.64
CA ALA A 1 -9.21 2.81 19.43
C ALA A 1 -8.22 2.02 18.59
N PRO A 2 -8.72 1.24 17.64
CA PRO A 2 -7.81 0.54 16.73
C PRO A 2 -7.00 1.51 15.90
N ARG A 3 -5.82 1.07 15.50
CA ARG A 3 -4.98 1.86 14.61
C ARG A 3 -5.44 1.78 13.16
N SER A 4 -6.13 0.69 12.79
CA SER A 4 -6.55 0.46 11.43
C SER A 4 -7.95 -0.15 11.43
N VAL A 5 -8.82 0.39 10.57
CA VAL A 5 -10.21 -0.05 10.44
C VAL A 5 -10.53 -0.10 8.96
N ASP A 6 -11.19 -1.18 8.52
CA ASP A 6 -11.65 -1.29 7.13
C ASP A 6 -12.96 -2.09 7.13
N TRP A 7 -14.08 -1.37 7.10
CA TRP A 7 -15.38 -2.03 7.14
C TRP A 7 -15.71 -2.80 5.87
N ARG A 8 -14.96 -2.60 4.80
CA ARG A 8 -15.15 -3.42 3.60
C ARG A 8 -14.81 -4.88 3.88
N GLU A 9 -13.80 -5.12 4.71
CA GLU A 9 -13.41 -6.48 5.06
C GLU A 9 -14.48 -7.19 5.90
N LYS A 10 -15.38 -6.43 6.52
CA LYS A 10 -16.45 -6.99 7.34
C LYS A 10 -17.76 -7.12 6.57
N GLY A 11 -17.81 -6.66 5.32
CA GLY A 11 -18.98 -6.82 4.49
C GLY A 11 -19.98 -5.70 4.58
N TYR A 12 -19.58 -4.53 5.07
CA TYR A 12 -20.52 -3.44 5.28
C TYR A 12 -20.74 -2.58 4.05
N VAL A 13 -19.96 -2.75 2.98
CA VAL A 13 -19.84 -1.74 1.94
C VAL A 13 -20.16 -2.35 0.58
N THR A 14 -21.04 -1.68 -0.17
CA THR A 14 -21.35 -2.04 -1.55
C THR A 14 -20.22 -1.61 -2.46
N PRO A 15 -20.24 -2.06 -3.72
CA PRO A 15 -19.27 -1.56 -4.69
C PRO A 15 -19.43 -0.06 -4.93
N VAL A 16 -18.36 0.54 -5.46
CA VAL A 16 -18.38 1.96 -5.75
C VAL A 16 -19.41 2.25 -6.83
N LYS A 17 -20.20 3.29 -6.63
CA LYS A 17 -21.21 3.73 -7.59
C LYS A 17 -20.75 5.02 -8.26
N ASN A 18 -21.55 5.49 -9.20
CA ASN A 18 -21.22 6.69 -9.98
C ASN A 18 -22.44 7.60 -10.04
N GLN A 19 -22.33 8.78 -9.44
CA GLN A 19 -23.43 9.73 -9.45
C GLN A 19 -23.60 10.42 -10.79
N GLY A 20 -22.67 10.26 -11.72
CA GLY A 20 -22.78 10.95 -12.99
C GLY A 20 -22.68 12.45 -12.82
N GLN A 21 -23.35 13.18 -13.72
CA GLN A 21 -23.30 14.64 -13.76
C GLN A 21 -24.46 15.26 -13.00
N CYS A 22 -24.68 14.79 -11.78
CA CYS A 22 -25.79 15.24 -10.93
C CYS A 22 -25.25 15.50 -9.54
N GLY A 23 -25.66 16.62 -8.95
CA GLY A 23 -25.19 16.99 -7.62
C GLY A 23 -25.84 16.20 -6.49
N SER A 24 -25.68 14.88 -6.53
CA SER A 24 -26.38 13.98 -5.63
C SER A 24 -25.43 13.20 -4.74
N CYS A 25 -24.20 13.70 -4.57
CA CYS A 25 -23.24 13.04 -3.68
C CYS A 25 -23.84 12.74 -2.33
N TRP A 26 -24.65 13.65 -1.80
CA TRP A 26 -25.25 13.49 -0.49
C TRP A 26 -26.09 12.21 -0.40
N ALA A 27 -26.75 11.85 -1.50
CA ALA A 27 -27.58 10.64 -1.50
C ALA A 27 -26.73 9.38 -1.55
N PHE A 28 -25.57 9.44 -2.21
CA PHE A 28 -24.68 8.29 -2.24
C PHE A 28 -23.99 8.10 -0.89
N SER A 29 -23.61 9.21 -0.25
CA SER A 29 -23.08 9.14 1.10
C SER A 29 -24.11 8.52 2.05
N ALA A 30 -25.36 8.98 1.98
CA ALA A 30 -26.38 8.50 2.89
C ALA A 30 -26.67 7.02 2.68
N THR A 31 -26.88 6.60 1.42
CA THR A 31 -27.13 5.18 1.17
C THR A 31 -25.97 4.33 1.65
N GLY A 32 -24.74 4.80 1.43
CA GLY A 32 -23.59 4.04 1.91
C GLY A 32 -23.61 3.86 3.41
N ALA A 33 -23.92 4.93 4.15
CA ALA A 33 -23.95 4.82 5.59
C ALA A 33 -25.13 3.97 6.05
N LEU A 34 -26.28 4.08 5.39
CA LEU A 34 -27.43 3.25 5.75
C LEU A 34 -27.20 1.79 5.33
N GLU A 35 -26.59 1.57 4.16
CA GLU A 35 -26.23 0.20 3.77
C GLU A 35 -25.40 -0.48 4.84
N GLY A 36 -24.44 0.24 5.41
CA GLY A 36 -23.61 -0.34 6.46
C GLY A 36 -24.40 -0.65 7.71
N GLN A 37 -25.28 0.26 8.14
CA GLN A 37 -26.02 0.04 9.37
C GLN A 37 -27.10 -1.02 9.19
N MET A 38 -27.69 -1.14 7.99
CA MET A 38 -28.63 -2.23 7.74
C MET A 38 -27.90 -3.57 7.76
N PHE A 39 -26.70 -3.62 7.19
CA PHE A 39 -25.91 -4.85 7.27
C PHE A 39 -25.58 -5.17 8.72
N ARG A 40 -25.17 -4.17 9.49
CA ARG A 40 -24.87 -4.37 10.90
C ARG A 40 -26.04 -5.03 11.61
N LYS A 41 -27.27 -4.66 11.23
CA LYS A 41 -28.45 -5.14 11.92
C LYS A 41 -28.93 -6.49 11.38
N THR A 42 -29.00 -6.63 10.06
CA THR A 42 -29.61 -7.81 9.45
C THR A 42 -28.60 -8.82 8.91
N GLY A 43 -27.35 -8.43 8.71
CA GLY A 43 -26.41 -9.31 8.07
C GLY A 43 -26.60 -9.45 6.58
N ARG A 44 -27.46 -8.63 5.97
CA ARG A 44 -27.67 -8.62 4.54
C ARG A 44 -27.21 -7.28 3.98
N LEU A 45 -26.33 -7.33 2.99
CA LEU A 45 -25.85 -6.14 2.31
C LEU A 45 -26.70 -5.95 1.06
N ILE A 46 -27.55 -4.93 1.07
CA ILE A 46 -28.41 -4.62 -0.07
C ILE A 46 -28.15 -3.20 -0.52
N SER A 47 -27.85 -3.03 -1.80
CA SER A 47 -27.66 -1.69 -2.36
C SER A 47 -28.97 -0.93 -2.34
N LEU A 48 -28.91 0.32 -1.91
CA LEU A 48 -30.10 1.15 -1.74
C LEU A 48 -30.18 2.21 -2.83
N SER A 49 -31.37 2.80 -2.96
CA SER A 49 -31.71 3.62 -4.11
C SER A 49 -31.39 5.08 -3.84
N GLU A 50 -30.34 5.59 -4.49
CA GLU A 50 -30.08 7.03 -4.44
C GLU A 50 -31.16 7.81 -5.16
N GLN A 51 -31.68 7.27 -6.27
CA GLN A 51 -32.74 7.93 -7.00
C GLN A 51 -33.96 8.14 -6.10
N ASN A 52 -34.21 7.20 -5.20
CA ASN A 52 -35.28 7.34 -4.21
C ASN A 52 -35.09 8.62 -3.40
N LEU A 53 -33.88 8.86 -2.94
CA LEU A 53 -33.62 10.06 -2.13
C LEU A 53 -33.70 11.32 -2.97
N VAL A 54 -33.06 11.30 -4.14
CA VAL A 54 -33.08 12.45 -5.04
C VAL A 54 -34.51 12.88 -5.33
N ASP A 55 -35.37 11.90 -5.62
CA ASP A 55 -36.72 12.21 -6.08
C ASP A 55 -37.66 12.63 -4.95
N CYS A 56 -37.45 12.11 -3.73
CA CYS A 56 -38.49 12.10 -2.73
C CYS A 56 -38.16 12.88 -1.45
N SER A 57 -36.90 13.20 -1.20
CA SER A 57 -36.51 13.79 0.08
C SER A 57 -36.48 15.31 0.05
N GLY A 58 -37.14 15.93 -0.93
CA GLY A 58 -37.31 17.36 -0.95
C GLY A 58 -37.92 17.91 0.32
N PRO A 59 -39.01 17.30 0.80
CA PRO A 59 -39.66 17.82 2.02
C PRO A 59 -38.77 17.84 3.25
N GLN A 60 -37.68 17.09 3.26
CA GLN A 60 -36.75 17.14 4.38
C GLN A 60 -35.65 18.18 4.19
N GLY A 61 -35.61 18.84 3.03
CA GLY A 61 -34.68 19.93 2.79
C GLY A 61 -33.70 19.68 1.65
N ASN A 62 -33.66 18.49 1.07
CA ASN A 62 -32.76 18.22 -0.04
C ASN A 62 -33.29 18.83 -1.33
N GLU A 63 -32.39 18.99 -2.29
CA GLU A 63 -32.69 19.63 -3.57
C GLU A 63 -32.16 18.80 -4.72
N GLY A 64 -32.30 17.48 -4.63
CA GLY A 64 -32.07 16.61 -5.78
C GLY A 64 -30.66 16.72 -6.31
N CYS A 65 -30.55 16.98 -7.61
CA CYS A 65 -29.25 17.14 -8.25
C CYS A 65 -28.61 18.50 -7.95
N ASN A 66 -29.31 19.38 -7.25
CA ASN A 66 -28.79 20.68 -6.87
C ASN A 66 -28.30 20.70 -5.41
N GLY A 67 -28.03 19.54 -4.84
CA GLY A 67 -27.45 19.46 -3.51
C GLY A 67 -28.43 18.90 -2.49
N GLY A 68 -27.85 18.56 -1.35
CA GLY A 68 -28.62 17.98 -0.26
C GLY A 68 -27.70 17.68 0.90
N LEU A 69 -28.26 17.06 1.92
CA LEU A 69 -27.51 16.72 3.12
C LEU A 69 -27.85 15.30 3.51
N MET A 70 -26.85 14.58 4.02
CA MET A 70 -27.09 13.20 4.41
C MET A 70 -28.07 13.14 5.58
N ASP A 71 -27.94 14.05 6.54
CA ASP A 71 -28.88 14.09 7.67
C ASP A 71 -30.32 14.21 7.17
N TYR A 72 -30.55 15.06 6.17
CA TYR A 72 -31.88 15.15 5.57
C TYR A 72 -32.31 13.83 4.95
N ALA A 73 -31.38 13.14 4.29
CA ALA A 73 -31.69 11.83 3.73
C ALA A 73 -32.10 10.84 4.82
N PHE A 74 -31.34 10.81 5.91
CA PHE A 74 -31.69 9.91 7.02
C PHE A 74 -33.05 10.27 7.58
N GLN A 75 -33.35 11.57 7.65
CA GLN A 75 -34.67 12.03 8.09
C GLN A 75 -35.77 11.52 7.19
N TYR A 76 -35.54 11.56 5.87
CA TYR A 76 -36.55 11.08 4.93
C TYR A 76 -36.87 9.61 5.16
N VAL A 77 -35.84 8.77 5.24
CA VAL A 77 -36.06 7.35 5.42
C VAL A 77 -36.89 7.10 6.67
N GLN A 78 -36.61 7.86 7.74
CA GLN A 78 -37.39 7.72 8.96
C GLN A 78 -38.83 8.18 8.77
N ASP A 79 -39.01 9.42 8.30
CA ASP A 79 -40.35 9.96 8.11
C ASP A 79 -41.13 9.14 7.10
N ASN A 80 -40.44 8.64 6.07
CA ASN A 80 -41.07 7.89 5.00
C ASN A 80 -41.35 6.44 5.40
N GLY A 81 -40.71 5.95 6.47
CA GLY A 81 -40.88 4.57 6.85
C GLY A 81 -40.24 3.57 5.93
N GLY A 82 -39.25 3.97 5.14
CA GLY A 82 -38.58 3.03 4.28
C GLY A 82 -37.80 3.72 3.18
N LEU A 83 -37.06 2.88 2.44
CA LEU A 83 -36.26 3.32 1.31
C LEU A 83 -36.10 2.11 0.38
N ASP A 84 -36.38 2.32 -0.91
CA ASP A 84 -36.31 1.21 -1.85
C ASP A 84 -34.88 0.79 -2.12
N SER A 85 -34.74 -0.44 -2.58
CA SER A 85 -33.44 -0.97 -3.01
C SER A 85 -33.01 -0.35 -4.33
N GLU A 86 -31.72 -0.48 -4.63
CA GLU A 86 -31.18 0.08 -5.86
C GLU A 86 -31.73 -0.65 -7.09
N GLU A 87 -31.90 -1.97 -7.00
CA GLU A 87 -32.38 -2.72 -8.15
C GLU A 87 -33.82 -2.37 -8.49
N SER A 88 -34.64 -2.08 -7.48
CA SER A 88 -36.03 -1.74 -7.72
C SER A 88 -36.22 -0.30 -8.18
N TYR A 89 -35.31 0.59 -7.80
CA TYR A 89 -35.45 2.02 -8.04
C TYR A 89 -34.10 2.54 -8.52
N PRO A 90 -33.72 2.18 -9.75
CA PRO A 90 -32.35 2.44 -10.21
C PRO A 90 -32.08 3.92 -10.44
N TYR A 91 -30.79 4.21 -10.61
CA TYR A 91 -30.29 5.58 -10.64
C TYR A 91 -30.28 6.13 -12.05
N GLU A 92 -30.88 7.31 -12.23
CA GLU A 92 -30.99 7.93 -13.55
C GLU A 92 -30.17 9.20 -13.71
N ALA A 93 -29.56 9.71 -12.64
CA ALA A 93 -28.74 10.91 -12.70
C ALA A 93 -29.54 12.15 -13.08
N THR A 94 -30.87 12.08 -12.92
CA THR A 94 -31.75 13.23 -13.12
C THR A 94 -32.80 13.21 -12.03
N GLU A 95 -33.33 14.39 -11.70
CA GLU A 95 -34.38 14.48 -10.69
C GLU A 95 -35.74 14.30 -11.35
N GLU A 96 -36.54 13.41 -10.78
CA GLU A 96 -37.85 13.03 -11.31
C GLU A 96 -38.88 13.08 -10.19
N SER A 97 -40.14 12.86 -10.54
CA SER A 97 -41.17 12.73 -9.53
C SER A 97 -40.86 11.54 -8.62
N CYS A 98 -41.43 11.56 -7.42
CA CYS A 98 -41.19 10.48 -6.46
C CYS A 98 -41.95 9.23 -6.86
N LYS A 99 -41.26 8.09 -6.91
CA LYS A 99 -41.85 6.82 -7.26
C LYS A 99 -41.65 5.77 -6.18
N TYR A 100 -41.45 6.21 -4.93
CA TYR A 100 -41.25 5.28 -3.84
C TYR A 100 -42.39 4.27 -3.78
N ASN A 101 -42.05 3.01 -3.55
CA ASN A 101 -43.02 1.94 -3.38
C ASN A 101 -42.64 1.15 -2.14
N PRO A 102 -43.41 1.22 -1.06
CA PRO A 102 -42.98 0.56 0.18
C PRO A 102 -42.80 -0.94 0.05
N LYS A 103 -43.46 -1.58 -0.91
CA LYS A 103 -43.30 -3.03 -1.04
C LYS A 103 -41.86 -3.39 -1.35
N TYR A 104 -41.11 -2.47 -1.97
CA TYR A 104 -39.72 -2.70 -2.31
C TYR A 104 -38.76 -2.01 -1.35
N SER A 105 -39.27 -1.53 -0.22
CA SER A 105 -38.39 -0.97 0.80
C SER A 105 -37.56 -2.08 1.43
N VAL A 106 -36.26 -1.83 1.58
CA VAL A 106 -35.34 -2.78 2.21
C VAL A 106 -34.59 -2.17 3.38
N ALA A 107 -34.89 -0.92 3.75
CA ALA A 107 -34.13 -0.24 4.79
C ALA A 107 -35.02 0.73 5.54
N ASN A 108 -34.70 0.90 6.82
CA ASN A 108 -35.39 1.85 7.69
C ASN A 108 -34.34 2.44 8.63
N ASP A 109 -34.67 3.58 9.22
CA ASP A 109 -33.86 4.12 10.32
C ASP A 109 -34.74 4.94 11.23
N ALA A 110 -34.29 5.11 12.46
CA ALA A 110 -35.01 5.85 13.49
C ALA A 110 -34.29 7.14 13.86
N GLY A 111 -33.66 7.78 12.88
CA GLY A 111 -32.99 9.04 13.08
C GLY A 111 -31.53 8.97 12.69
N PHE A 112 -30.73 9.84 13.29
CA PHE A 112 -29.33 9.94 12.93
C PHE A 112 -28.56 10.60 14.07
N VAL A 113 -27.26 10.34 14.09
CA VAL A 113 -26.36 10.84 15.13
C VAL A 113 -25.36 11.77 14.46
N ASP A 114 -25.28 13.00 14.93
CA ASP A 114 -24.26 13.94 14.48
C ASP A 114 -23.03 13.81 15.37
N ILE A 115 -21.89 13.56 14.74
CA ILE A 115 -20.63 13.34 15.46
C ILE A 115 -20.03 14.70 15.78
N PRO A 116 -19.52 14.91 16.99
CA PRO A 116 -18.81 16.16 17.29
C PRO A 116 -17.76 16.45 16.22
N LYS A 117 -17.50 17.74 16.03
CA LYS A 117 -16.60 18.19 14.97
C LYS A 117 -15.15 18.09 15.42
N GLN A 118 -14.76 16.86 15.73
CA GLN A 118 -13.40 16.51 16.10
C GLN A 118 -12.99 15.26 15.34
N GLU A 119 -11.78 15.26 14.78
CA GLU A 119 -11.30 14.07 14.11
C GLU A 119 -11.19 12.90 15.08
N LYS A 120 -10.88 13.18 16.35
CA LYS A 120 -10.86 12.11 17.34
C LYS A 120 -12.24 11.51 17.53
N ALA A 121 -13.28 12.36 17.55
CA ALA A 121 -14.64 11.84 17.68
C ALA A 121 -15.03 11.01 16.47
N LEU A 122 -14.61 11.44 15.27
CA LEU A 122 -14.89 10.69 14.06
C LEU A 122 -14.21 9.33 14.08
N MET A 123 -12.98 9.28 14.58
CA MET A 123 -12.27 8.02 14.70
C MET A 123 -13.03 7.06 15.60
N LYS A 124 -13.53 7.56 16.74
CA LYS A 124 -14.31 6.71 17.64
C LYS A 124 -15.54 6.15 16.96
N ALA A 125 -16.20 6.98 16.13
CA ALA A 125 -17.41 6.54 15.44
C ALA A 125 -17.10 5.49 14.39
N VAL A 126 -16.06 5.72 13.58
CA VAL A 126 -15.70 4.74 12.56
C VAL A 126 -15.29 3.43 13.19
N ALA A 127 -14.60 3.50 14.34
CA ALA A 127 -14.09 2.29 14.97
C ALA A 127 -15.20 1.42 15.54
N THR A 128 -16.33 2.01 15.90
CA THR A 128 -17.36 1.30 16.65
C THR A 128 -18.69 1.16 15.92
N VAL A 129 -18.99 2.06 14.98
CA VAL A 129 -20.30 2.12 14.36
C VAL A 129 -20.31 1.43 12.99
N GLY A 130 -19.33 1.76 12.15
CA GLY A 130 -19.39 1.39 10.76
C GLY A 130 -19.11 2.59 9.88
N PRO A 131 -19.34 2.45 8.58
CA PRO A 131 -19.14 3.58 7.66
C PRO A 131 -19.93 4.81 8.12
N ILE A 132 -19.28 5.97 8.00
CA ILE A 132 -19.83 7.25 8.44
C ILE A 132 -19.94 8.18 7.24
N SER A 133 -21.06 8.89 7.15
CA SER A 133 -21.24 9.90 6.12
C SER A 133 -20.50 11.17 6.52
N VAL A 134 -19.69 11.72 5.61
CA VAL A 134 -18.97 12.95 5.86
C VAL A 134 -19.09 13.86 4.66
N ALA A 135 -18.77 15.13 4.88
CA ALA A 135 -18.68 16.13 3.83
C ALA A 135 -17.25 16.65 3.79
N ILE A 136 -16.73 16.85 2.58
CA ILE A 136 -15.37 17.35 2.40
C ILE A 136 -15.36 18.46 1.36
N ASP A 137 -14.29 19.26 1.41
CA ASP A 137 -13.96 20.19 0.34
C ASP A 137 -13.23 19.41 -0.74
N ALA A 138 -13.96 19.05 -1.80
CA ALA A 138 -13.39 18.32 -2.93
C ALA A 138 -13.19 19.21 -4.15
N GLY A 139 -13.36 20.52 -4.00
CA GLY A 139 -13.32 21.42 -5.14
C GLY A 139 -11.91 21.81 -5.54
N HIS A 140 -11.08 20.82 -5.87
CA HIS A 140 -9.69 21.08 -6.25
C HIS A 140 -9.27 20.10 -7.33
N GLU A 141 -8.54 20.61 -8.33
CA GLU A 141 -8.09 19.76 -9.42
C GLU A 141 -7.31 18.55 -8.92
N SER A 142 -6.58 18.71 -7.81
CA SER A 142 -5.81 17.59 -7.27
C SER A 142 -6.70 16.42 -6.90
N PHE A 143 -7.92 16.70 -6.46
CA PHE A 143 -8.85 15.65 -6.07
C PHE A 143 -9.38 14.91 -7.30
N LEU A 144 -9.61 15.64 -8.39
CA LEU A 144 -10.09 15.01 -9.63
C LEU A 144 -9.10 13.95 -10.12
N PHE A 145 -7.81 14.26 -10.06
CA PHE A 145 -6.78 13.43 -10.67
C PHE A 145 -6.10 12.51 -9.68
N TYR A 146 -6.60 12.45 -8.45
CA TYR A 146 -6.01 11.58 -7.43
C TYR A 146 -5.94 10.13 -7.93
N LYS A 147 -4.79 9.50 -7.68
N LYS A 147 -4.79 9.49 -7.69
CA LYS A 147 -4.56 8.11 -8.08
CA LYS A 147 -4.60 8.09 -8.08
C LYS A 147 -4.33 7.21 -6.89
C LYS A 147 -4.32 7.18 -6.89
N GLU A 148 -3.44 7.60 -5.98
CA GLU A 148 -3.05 6.75 -4.86
C GLU A 148 -2.32 7.63 -3.85
N GLY A 149 -1.95 7.03 -2.72
CA GLY A 149 -1.29 7.75 -1.66
C GLY A 149 -2.27 8.49 -0.79
N ILE A 150 -1.71 9.22 0.18
CA ILE A 150 -2.52 10.01 1.10
C ILE A 150 -2.78 11.36 0.46
N TYR A 151 -4.06 11.70 0.28
CA TYR A 151 -4.41 12.96 -0.37
C TYR A 151 -4.27 14.11 0.62
N PHE A 152 -3.41 15.07 0.30
CA PHE A 152 -3.28 16.30 1.06
C PHE A 152 -3.25 17.47 0.08
N GLU A 153 -4.16 18.42 0.28
CA GLU A 153 -4.29 19.62 -0.55
C GLU A 153 -4.16 20.85 0.33
N PRO A 154 -3.04 21.58 0.28
CA PRO A 154 -2.84 22.69 1.23
C PRO A 154 -3.96 23.72 1.20
N ASP A 155 -4.62 23.92 0.06
CA ASP A 155 -5.66 24.93 -0.05
C ASP A 155 -7.04 24.39 0.26
N CYS A 156 -7.13 23.21 0.85
CA CYS A 156 -8.43 22.66 1.24
C CYS A 156 -8.98 23.44 2.43
N SER A 157 -10.30 23.63 2.43
CA SER A 157 -10.98 24.35 3.49
C SER A 157 -11.60 23.39 4.48
N SER A 158 -11.48 23.71 5.76
CA SER A 158 -12.14 22.95 6.82
C SER A 158 -13.57 23.41 7.07
N GLU A 159 -14.01 24.48 6.40
CA GLU A 159 -15.30 25.10 6.66
C GLU A 159 -16.21 25.18 5.44
N ASP A 160 -15.69 25.03 4.23
CA ASP A 160 -16.48 25.13 3.00
C ASP A 160 -16.45 23.77 2.31
N MET A 161 -17.23 22.83 2.85
CA MET A 161 -17.35 21.51 2.23
C MET A 161 -18.40 21.57 1.12
N ASP A 162 -18.14 20.82 0.04
CA ASP A 162 -19.04 20.81 -1.11
C ASP A 162 -19.37 19.41 -1.62
N HIS A 163 -18.89 18.35 -0.96
CA HIS A 163 -19.01 17.02 -1.52
C HIS A 163 -19.20 16.00 -0.40
N GLY A 164 -20.28 15.22 -0.49
CA GLY A 164 -20.55 14.19 0.48
C GLY A 164 -19.93 12.87 0.07
N VAL A 165 -19.30 12.19 1.02
CA VAL A 165 -18.62 10.92 0.78
C VAL A 165 -18.78 10.04 2.01
N LEU A 166 -18.13 8.87 1.99
CA LEU A 166 -18.33 7.85 3.02
C LEU A 166 -16.99 7.38 3.55
N VAL A 167 -16.76 7.57 4.85
CA VAL A 167 -15.57 7.04 5.51
C VAL A 167 -15.85 5.59 5.88
N VAL A 168 -15.12 4.67 5.25
CA VAL A 168 -15.29 3.24 5.52
C VAL A 168 -14.22 2.69 6.43
N GLY A 169 -13.26 3.51 6.84
CA GLY A 169 -12.20 3.05 7.71
C GLY A 169 -11.12 4.11 7.84
N TYR A 170 -10.03 3.70 8.47
CA TYR A 170 -8.83 4.53 8.54
C TYR A 170 -7.64 3.61 8.73
N GLY A 171 -6.46 4.16 8.52
CA GLY A 171 -5.27 3.36 8.57
C GLY A 171 -4.04 4.23 8.50
N PHE A 172 -2.93 3.61 8.12
CA PHE A 172 -1.66 4.33 8.01
C PHE A 172 -0.84 3.74 6.88
N GLU A 173 0.16 4.49 6.46
CA GLU A 173 1.18 4.00 5.55
C GLU A 173 2.35 4.97 5.62
N SER A 174 3.56 4.42 5.63
CA SER A 174 4.75 5.25 5.74
C SER A 174 4.83 6.23 4.57
N THR A 175 5.17 7.48 4.88
CA THR A 175 5.27 8.51 3.86
C THR A 175 6.53 9.34 4.06
N GLU A 176 6.89 10.05 2.99
CA GLU A 176 8.03 10.96 3.03
C GLU A 176 7.95 11.93 4.20
N SER A 177 6.77 12.52 4.42
CA SER A 177 6.63 13.61 5.38
C SER A 177 6.32 13.14 6.80
N ASP A 178 6.18 11.83 7.02
CA ASP A 178 5.78 11.25 8.30
C ASP A 178 4.35 11.60 8.69
N ASN A 179 3.55 12.11 7.75
CA ASN A 179 2.11 12.26 7.94
C ASN A 179 1.48 11.00 7.36
N ASN A 180 1.36 9.98 8.19
CA ASN A 180 1.08 8.63 7.72
C ASN A 180 -0.36 8.17 7.92
N LYS A 181 -1.19 8.95 8.60
CA LYS A 181 -2.54 8.51 8.91
C LYS A 181 -3.51 9.02 7.85
N TYR A 182 -4.55 8.23 7.59
CA TYR A 182 -5.49 8.58 6.53
C TYR A 182 -6.87 8.00 6.82
N TRP A 183 -7.89 8.71 6.35
CA TRP A 183 -9.24 8.20 6.30
C TRP A 183 -9.44 7.47 4.98
N LEU A 184 -10.02 6.26 5.05
CA LEU A 184 -10.35 5.50 3.86
C LEU A 184 -11.75 5.93 3.42
N VAL A 185 -11.84 6.58 2.26
CA VAL A 185 -13.05 7.26 1.83
C VAL A 185 -13.53 6.63 0.54
N LYS A 186 -14.78 6.21 0.53
CA LYS A 186 -15.46 5.75 -0.67
C LYS A 186 -16.10 6.97 -1.35
N ASN A 187 -15.77 7.19 -2.61
CA ASN A 187 -16.37 8.24 -3.40
C ASN A 187 -17.50 7.64 -4.25
N SER A 188 -18.22 8.51 -4.95
CA SER A 188 -19.29 8.10 -5.84
C SER A 188 -19.04 8.62 -7.26
N TRP A 189 -17.79 8.57 -7.71
CA TRP A 189 -17.41 8.99 -9.05
C TRP A 189 -17.02 7.81 -9.93
N GLY A 190 -17.51 6.62 -9.63
CA GLY A 190 -17.13 5.43 -10.34
C GLY A 190 -15.78 4.91 -9.88
N GLU A 191 -15.49 3.66 -10.25
CA GLU A 191 -14.27 3.01 -9.82
C GLU A 191 -13.07 3.42 -10.66
N GLU A 192 -13.27 4.09 -11.80
N GLU A 192 -13.27 4.10 -11.79
CA GLU A 192 -12.13 4.58 -12.56
CA GLU A 192 -12.16 4.61 -12.58
C GLU A 192 -11.46 5.78 -11.89
C GLU A 192 -11.46 5.77 -11.88
N TRP A 193 -12.16 6.47 -11.01
CA TRP A 193 -11.58 7.57 -10.27
C TRP A 193 -10.76 7.04 -9.10
N GLY A 194 -9.67 7.72 -8.81
CA GLY A 194 -8.87 7.37 -7.65
C GLY A 194 -8.45 5.92 -7.65
N MET A 195 -8.42 5.33 -6.47
CA MET A 195 -7.97 3.95 -6.27
C MET A 195 -9.22 3.07 -6.19
N GLY A 196 -9.63 2.56 -7.35
CA GLY A 196 -10.87 1.80 -7.41
C GLY A 196 -12.08 2.58 -6.94
N GLY A 197 -12.07 3.89 -7.09
CA GLY A 197 -13.12 4.74 -6.56
C GLY A 197 -12.91 5.18 -5.12
N TYR A 198 -11.80 4.79 -4.50
CA TYR A 198 -11.49 5.14 -3.12
C TYR A 198 -10.36 6.16 -3.09
N VAL A 199 -10.26 6.85 -1.96
CA VAL A 199 -9.18 7.82 -1.70
C VAL A 199 -8.78 7.71 -0.23
N LYS A 200 -7.51 7.92 0.03
CA LYS A 200 -6.97 8.01 1.39
C LYS A 200 -6.76 9.49 1.68
N MET A 201 -7.55 10.03 2.60
N MET A 201 -7.57 10.02 2.60
CA MET A 201 -7.50 11.45 2.91
CA MET A 201 -7.55 11.43 2.97
C MET A 201 -6.76 11.67 4.21
C MET A 201 -6.70 11.63 4.21
N ALA A 202 -5.86 12.67 4.20
CA ALA A 202 -5.04 12.97 5.36
C ALA A 202 -5.87 13.04 6.64
N LYS A 203 -5.39 12.35 7.67
CA LYS A 203 -6.09 12.24 8.94
C LYS A 203 -5.24 12.86 10.05
N ASP A 204 -5.90 13.59 10.94
CA ASP A 204 -5.23 14.27 12.06
C ASP A 204 -4.30 15.36 11.56
N ARG A 205 -4.73 16.04 10.48
CA ARG A 205 -3.99 17.16 9.90
C ARG A 205 -4.94 18.37 9.82
N ARG A 206 -5.26 18.95 10.99
CA ARG A 206 -6.09 20.15 11.06
C ARG A 206 -7.44 19.94 10.38
N ASN A 207 -8.06 18.80 10.63
CA ASN A 207 -9.38 18.50 10.07
C ASN A 207 -9.36 18.77 8.57
N HIS A 208 -8.47 18.06 7.88
CA HIS A 208 -8.18 18.35 6.49
C HIS A 208 -9.42 18.21 5.62
N CYS A 209 -9.70 19.26 4.84
CA CYS A 209 -10.85 19.33 3.94
C CYS A 209 -12.19 19.23 4.67
N GLY A 210 -12.19 19.45 5.99
CA GLY A 210 -13.43 19.46 6.75
C GLY A 210 -14.05 18.11 6.96
N ILE A 211 -13.25 17.04 6.97
CA ILE A 211 -13.79 15.68 6.98
C ILE A 211 -14.56 15.41 8.26
N ALA A 212 -14.18 16.04 9.36
CA ALA A 212 -14.85 15.86 10.64
C ALA A 212 -15.91 16.92 10.90
N SER A 213 -16.15 17.83 9.95
CA SER A 213 -16.98 18.99 10.23
C SER A 213 -18.46 18.68 10.14
N ALA A 214 -18.85 17.69 9.33
CA ALA A 214 -20.27 17.36 9.12
C ALA A 214 -20.43 15.85 9.00
N ALA A 215 -20.03 15.12 10.04
CA ALA A 215 -20.10 13.68 10.07
C ALA A 215 -21.36 13.20 10.79
N SER A 216 -21.92 12.09 10.32
CA SER A 216 -23.15 11.57 10.90
C SER A 216 -23.40 10.17 10.38
N TYR A 217 -24.35 9.48 11.00
CA TYR A 217 -24.75 8.15 10.57
C TYR A 217 -26.19 7.90 10.99
N PRO A 218 -26.88 7.00 10.31
CA PRO A 218 -28.27 6.69 10.71
C PRO A 218 -28.32 5.71 11.87
N THR A 219 -29.37 5.85 12.66
CA THR A 219 -29.65 4.93 13.76
C THR A 219 -30.62 3.88 13.26
N VAL A 220 -30.23 2.61 13.36
CA VAL A 220 -31.01 1.52 12.82
C VAL A 220 -31.34 0.53 13.93
N PRO B 2 16.66 -14.94 8.87
CA PRO B 2 17.11 -16.08 9.70
C PRO B 2 15.96 -16.76 10.43
N ARG B 3 16.19 -17.98 10.90
CA ARG B 3 15.18 -18.70 11.66
C ARG B 3 15.05 -18.17 13.09
N SER B 4 16.03 -17.41 13.58
CA SER B 4 15.95 -16.83 14.92
C SER B 4 16.91 -15.64 15.01
N VAL B 5 16.55 -14.67 15.85
CA VAL B 5 17.26 -13.40 15.97
C VAL B 5 17.25 -12.95 17.42
N ASP B 6 18.34 -12.31 17.84
CA ASP B 6 18.42 -11.71 19.18
C ASP B 6 19.42 -10.57 19.12
N TRP B 7 18.91 -9.34 18.97
CA TRP B 7 19.79 -8.19 18.82
C TRP B 7 20.58 -7.88 20.08
N ARG B 8 20.19 -8.43 21.22
CA ARG B 8 21.02 -8.30 22.42
C ARG B 8 22.39 -8.93 22.19
N GLU B 9 22.44 -10.05 21.48
CA GLU B 9 23.71 -10.71 21.21
C GLU B 9 24.65 -9.83 20.41
N LYS B 10 24.13 -8.81 19.73
CA LYS B 10 24.93 -7.96 18.86
C LYS B 10 25.25 -6.61 19.48
N GLY B 11 24.78 -6.34 20.69
CA GLY B 11 25.10 -5.10 21.37
C GLY B 11 24.17 -3.96 21.08
N TYR B 12 22.96 -4.24 20.59
CA TYR B 12 22.02 -3.20 20.22
C TYR B 12 21.10 -2.75 21.35
N VAL B 13 21.10 -3.43 22.50
CA VAL B 13 20.04 -3.30 23.48
C VAL B 13 20.61 -3.00 24.85
N THR B 14 20.10 -1.92 25.47
CA THR B 14 20.49 -1.54 26.82
C THR B 14 19.78 -2.41 27.84
N PRO B 15 20.20 -2.35 29.11
CA PRO B 15 19.52 -3.15 30.14
C PRO B 15 18.07 -2.72 30.32
N VAL B 16 17.31 -3.58 31.00
CA VAL B 16 15.89 -3.33 31.21
C VAL B 16 15.72 -2.17 32.18
N LYS B 17 14.78 -1.28 31.86
CA LYS B 17 14.48 -0.10 32.65
C LYS B 17 13.09 -0.23 33.28
N ASN B 18 12.79 0.69 34.18
CA ASN B 18 11.54 0.66 34.94
C ASN B 18 10.87 2.02 34.81
N GLN B 19 9.72 2.07 34.14
CA GLN B 19 8.98 3.32 34.00
C GLN B 19 8.32 3.75 35.30
N GLY B 20 8.13 2.83 36.25
CA GLY B 20 7.51 3.18 37.51
C GLY B 20 6.01 3.36 37.35
N GLN B 21 5.44 4.20 38.23
CA GLN B 21 4.01 4.50 38.22
C GLN B 21 3.73 5.69 37.31
N CYS B 22 4.06 5.51 36.04
CA CYS B 22 3.94 6.57 35.05
C CYS B 22 3.60 5.93 33.72
N GLY B 23 2.69 6.57 32.97
CA GLY B 23 2.27 6.02 31.71
C GLY B 23 3.19 6.39 30.56
N SER B 24 4.48 6.08 30.70
CA SER B 24 5.50 6.52 29.77
C SER B 24 6.13 5.36 28.99
N CYS B 25 5.44 4.23 28.89
CA CYS B 25 5.94 3.11 28.11
C CYS B 25 6.39 3.55 26.73
N TRP B 26 5.63 4.46 26.11
CA TRP B 26 5.97 4.94 24.77
C TRP B 26 7.35 5.57 24.74
N ALA B 27 7.76 6.23 25.83
CA ALA B 27 9.09 6.82 25.86
C ALA B 27 10.17 5.74 25.95
N PHE B 28 9.90 4.65 26.65
CA PHE B 28 10.89 3.59 26.78
C PHE B 28 10.96 2.74 25.51
N SER B 29 9.82 2.45 24.91
CA SER B 29 9.82 1.78 23.62
C SER B 29 10.58 2.60 22.58
N ALA B 30 10.39 3.92 22.59
CA ALA B 30 11.04 4.78 21.61
C ALA B 30 12.55 4.84 21.84
N THR B 31 12.98 5.06 23.09
CA THR B 31 14.41 5.13 23.35
C THR B 31 15.08 3.80 23.03
N GLY B 32 14.38 2.69 23.21
CA GLY B 32 14.93 1.39 22.84
C GLY B 32 15.13 1.26 21.34
N ALA B 33 14.16 1.72 20.55
CA ALA B 33 14.33 1.64 19.10
C ALA B 33 15.42 2.59 18.62
N LEU B 34 15.50 3.78 19.21
CA LEU B 34 16.53 4.73 18.82
C LEU B 34 17.90 4.28 19.31
N GLU B 35 17.97 3.68 20.51
CA GLU B 35 19.24 3.12 20.98
C GLU B 35 19.78 2.12 19.98
N GLY B 36 18.91 1.27 19.42
CA GLY B 36 19.37 0.27 18.48
C GLY B 36 19.80 0.85 17.15
N GLN B 37 19.09 1.88 16.68
CA GLN B 37 19.46 2.49 15.40
C GLN B 37 20.72 3.33 15.54
N MET B 38 20.91 3.99 16.68
CA MET B 38 22.15 4.73 16.90
C MET B 38 23.34 3.79 16.98
N PHE B 39 23.16 2.62 17.59
CA PHE B 39 24.24 1.64 17.58
C PHE B 39 24.49 1.13 16.16
N ARG B 40 23.40 0.86 15.42
CA ARG B 40 23.53 0.45 14.03
C ARG B 40 24.44 1.41 13.26
N LYS B 41 24.25 2.71 13.45
CA LYS B 41 24.91 3.71 12.61
C LYS B 41 26.17 4.30 13.24
N THR B 42 26.47 4.02 14.50
CA THR B 42 27.65 4.59 15.15
C THR B 42 28.51 3.58 15.90
N GLY B 43 28.00 2.38 16.18
CA GLY B 43 28.78 1.41 16.93
C GLY B 43 28.88 1.72 18.40
N ARG B 44 28.03 2.60 18.92
CA ARG B 44 28.05 2.99 20.32
C ARG B 44 26.66 2.78 20.90
N LEU B 45 26.60 2.07 22.02
CA LEU B 45 25.35 1.86 22.76
C LEU B 45 25.32 2.86 23.91
N ILE B 46 24.42 3.84 23.83
CA ILE B 46 24.28 4.87 24.85
C ILE B 46 22.82 4.96 25.23
N SER B 47 22.51 4.63 26.49
CA SER B 47 21.15 4.73 26.99
C SER B 47 20.63 6.15 26.79
N LEU B 48 19.40 6.25 26.28
CA LEU B 48 18.79 7.53 25.96
C LEU B 48 17.76 7.93 27.01
N SER B 49 17.46 9.22 27.07
CA SER B 49 16.66 9.77 28.16
C SER B 49 15.18 9.69 27.83
N GLU B 50 14.45 8.91 28.63
CA GLU B 50 12.99 8.95 28.54
C GLU B 50 12.44 10.22 29.15
N GLN B 51 13.06 10.72 30.23
CA GLN B 51 12.62 11.97 30.84
C GLN B 51 12.60 13.10 29.81
N ASN B 52 13.60 13.13 28.93
CA ASN B 52 13.63 14.08 27.81
C ASN B 52 12.33 14.02 27.02
N LEU B 53 11.93 12.81 26.61
CA LEU B 53 10.72 12.67 25.82
C LEU B 53 9.48 13.03 26.63
N VAL B 54 9.44 12.62 27.90
CA VAL B 54 8.28 12.91 28.73
C VAL B 54 8.08 14.41 28.89
N ASP B 55 9.17 15.16 29.06
CA ASP B 55 9.07 16.57 29.38
C ASP B 55 8.87 17.45 28.14
N CYS B 56 9.40 17.03 26.99
CA CYS B 56 9.63 17.94 25.88
C CYS B 56 8.85 17.63 24.61
N SER B 57 8.23 16.46 24.49
CA SER B 57 7.60 16.07 23.23
C SER B 57 6.08 16.26 23.27
N GLY B 58 5.58 17.10 24.16
CA GLY B 58 4.20 17.53 24.14
C GLY B 58 3.80 18.06 22.78
N PRO B 59 4.60 18.95 22.21
CA PRO B 59 4.23 19.54 20.90
C PRO B 59 4.06 18.52 19.78
N GLN B 60 4.60 17.31 19.92
CA GLN B 60 4.44 16.29 18.90
C GLN B 60 3.24 15.40 19.14
N GLY B 61 2.53 15.59 20.26
CA GLY B 61 1.33 14.84 20.56
C GLY B 61 1.42 13.99 21.81
N ASN B 62 2.55 13.91 22.48
CA ASN B 62 2.65 13.09 23.68
C ASN B 62 2.16 13.87 24.90
N GLU B 63 1.76 13.13 25.92
CA GLU B 63 1.17 13.69 27.13
C GLU B 63 1.91 13.18 28.36
N GLY B 64 3.23 13.10 28.28
CA GLY B 64 4.05 12.70 29.39
C GLY B 64 3.60 11.42 30.07
N CYS B 65 3.29 11.50 31.36
CA CYS B 65 2.88 10.33 32.12
C CYS B 65 1.46 9.89 31.79
N ASN B 66 0.73 10.62 30.95
CA ASN B 66 -0.65 10.30 30.62
C ASN B 66 -0.78 9.65 29.23
N GLY B 67 0.30 9.10 28.71
CA GLY B 67 0.26 8.41 27.44
C GLY B 67 1.03 9.12 26.36
N GLY B 68 1.25 8.40 25.27
CA GLY B 68 2.03 8.91 24.16
C GLY B 68 2.20 7.84 23.12
N LEU B 69 2.93 8.18 22.05
CA LEU B 69 3.22 7.25 20.98
C LEU B 69 4.68 7.36 20.61
N MET B 70 5.27 6.19 20.29
CA MET B 70 6.67 6.15 19.88
C MET B 70 6.90 7.04 18.66
N ASP B 71 5.98 7.00 17.69
CA ASP B 71 6.15 7.82 16.49
C ASP B 71 6.26 9.30 16.82
N TYR B 72 5.43 9.80 17.75
CA TYR B 72 5.55 11.17 18.19
C TYR B 72 6.92 11.43 18.80
N ALA B 73 7.42 10.46 19.59
CA ALA B 73 8.76 10.57 20.15
C ALA B 73 9.81 10.63 19.05
N PHE B 74 9.69 9.76 18.04
CA PHE B 74 10.63 9.81 16.92
C PHE B 74 10.55 11.15 16.21
N GLN B 75 9.34 11.71 16.10
CA GLN B 75 9.21 13.01 15.44
C GLN B 75 9.84 14.12 16.28
N TYR B 76 9.75 14.01 17.61
CA TYR B 76 10.36 15.02 18.46
C TYR B 76 11.86 15.09 18.23
N VAL B 77 12.52 13.92 18.19
CA VAL B 77 13.97 13.90 18.01
C VAL B 77 14.33 14.59 16.70
N GLN B 78 13.58 14.33 15.64
CA GLN B 78 13.84 15.01 14.38
C GLN B 78 13.61 16.51 14.50
N ASP B 79 12.42 16.91 15.00
CA ASP B 79 12.11 18.33 15.13
C ASP B 79 13.12 19.02 16.04
N ASN B 80 13.49 18.35 17.12
CA ASN B 80 14.34 18.92 18.16
C ASN B 80 15.80 18.93 17.77
N GLY B 81 16.21 18.05 16.85
CA GLY B 81 17.60 17.96 16.45
C GLY B 81 18.47 17.14 17.35
N GLY B 82 17.90 16.46 18.34
CA GLY B 82 18.71 15.67 19.24
C GLY B 82 17.89 15.09 20.38
N LEU B 83 18.57 14.28 21.18
CA LEU B 83 17.99 13.69 22.38
C LEU B 83 19.11 13.46 23.38
N ASP B 84 18.90 13.88 24.62
CA ASP B 84 19.93 13.75 25.62
C ASP B 84 20.06 12.31 26.09
N SER B 85 21.23 11.98 26.63
CA SER B 85 21.50 10.67 27.17
C SER B 85 20.76 10.48 28.49
N GLU B 86 20.57 9.21 28.86
CA GLU B 86 19.96 8.89 30.15
C GLU B 86 20.80 9.43 31.30
N GLU B 87 22.12 9.34 31.20
CA GLU B 87 22.99 9.81 32.27
C GLU B 87 22.89 11.31 32.45
N SER B 88 22.67 12.06 31.38
CA SER B 88 22.61 13.51 31.47
C SER B 88 21.22 14.02 31.87
N TYR B 89 20.18 13.25 31.58
CA TYR B 89 18.79 13.69 31.76
C TYR B 89 18.02 12.51 32.35
N PRO B 90 18.25 12.22 33.63
CA PRO B 90 17.77 10.95 34.19
C PRO B 90 16.27 10.93 34.42
N TYR B 91 15.76 9.72 34.65
CA TYR B 91 14.33 9.49 34.72
C TYR B 91 13.80 9.79 36.13
N GLU B 92 12.70 10.54 36.19
CA GLU B 92 12.09 10.93 37.45
C GLU B 92 10.68 10.38 37.62
N ALA B 93 10.13 9.70 36.62
CA ALA B 93 8.81 9.08 36.71
C ALA B 93 7.71 10.10 36.98
N THR B 94 7.91 11.32 36.51
CA THR B 94 6.91 12.37 36.64
C THR B 94 7.21 13.46 35.62
N GLU B 95 6.17 14.04 35.05
CA GLU B 95 6.37 15.05 34.00
C GLU B 95 6.88 16.35 34.61
N GLU B 96 7.86 16.95 33.95
CA GLU B 96 8.46 18.20 34.40
C GLU B 96 8.68 19.08 33.18
N SER B 97 9.02 20.35 33.45
CA SER B 97 9.35 21.26 32.36
C SER B 97 10.55 20.75 31.57
N CYS B 98 10.60 21.12 30.30
CA CYS B 98 11.65 20.63 29.42
C CYS B 98 13.00 21.22 29.81
N LYS B 99 14.00 20.34 30.00
CA LYS B 99 15.35 20.77 30.35
C LYS B 99 16.36 20.24 29.33
N TYR B 100 15.93 20.06 28.09
CA TYR B 100 16.82 19.55 27.06
C TYR B 100 18.02 20.48 26.85
N ASN B 101 19.20 19.88 26.76
CA ASN B 101 20.44 20.63 26.50
C ASN B 101 21.12 20.02 25.28
N PRO B 102 21.18 20.72 24.14
CA PRO B 102 21.73 20.09 22.93
C PRO B 102 23.20 19.73 23.04
N LYS B 103 23.92 20.28 24.03
CA LYS B 103 25.29 19.87 24.25
C LYS B 103 25.40 18.42 24.68
N TYR B 104 24.35 17.87 25.26
CA TYR B 104 24.34 16.50 25.75
C TYR B 104 23.51 15.58 24.87
N SER B 105 23.12 16.05 23.69
CA SER B 105 22.46 15.17 22.73
C SER B 105 23.41 14.09 22.25
N VAL B 106 22.90 12.85 22.18
CA VAL B 106 23.66 11.72 21.70
C VAL B 106 22.93 10.94 20.61
N ALA B 107 21.74 11.37 20.22
CA ALA B 107 20.97 10.68 19.19
C ALA B 107 20.27 11.69 18.30
N ASN B 108 19.84 11.21 17.14
CA ASN B 108 19.14 11.99 16.14
C ASN B 108 18.39 11.03 15.23
N ASP B 109 17.48 11.57 14.44
CA ASP B 109 16.83 10.79 13.39
C ASP B 109 16.31 11.74 12.33
N ALA B 110 15.97 11.19 11.17
CA ALA B 110 15.32 11.95 10.12
C ALA B 110 13.93 11.38 9.88
N GLY B 111 13.12 11.29 10.93
CA GLY B 111 11.78 10.74 10.83
C GLY B 111 11.72 9.32 11.32
N PHE B 112 10.69 8.62 10.86
CA PHE B 112 10.45 7.25 11.32
C PHE B 112 9.76 6.46 10.21
N VAL B 113 9.60 5.16 10.46
CA VAL B 113 9.07 4.21 9.49
C VAL B 113 7.98 3.41 10.18
N ASP B 114 6.77 3.45 9.64
CA ASP B 114 5.68 2.60 10.10
C ASP B 114 5.63 1.34 9.25
N ILE B 115 5.87 0.20 9.89
CA ILE B 115 5.92 -1.08 9.17
C ILE B 115 4.50 -1.50 8.81
N PRO B 116 4.27 -2.09 7.62
CA PRO B 116 2.92 -2.57 7.29
C PRO B 116 2.35 -3.49 8.37
N LYS B 117 1.03 -3.59 8.45
CA LYS B 117 0.37 -4.32 9.53
C LYS B 117 0.34 -5.82 9.21
N GLN B 118 1.53 -6.41 9.19
CA GLN B 118 1.70 -7.83 8.89
C GLN B 118 2.85 -8.36 9.72
N GLU B 119 2.67 -9.56 10.28
CA GLU B 119 3.71 -10.13 11.13
C GLU B 119 4.94 -10.51 10.33
N LYS B 120 4.77 -10.87 9.05
CA LYS B 120 5.93 -11.17 8.22
C LYS B 120 6.72 -9.90 7.89
N ALA B 121 6.01 -8.78 7.67
CA ALA B 121 6.71 -7.52 7.49
C ALA B 121 7.46 -7.12 8.75
N LEU B 122 6.86 -7.37 9.92
CA LEU B 122 7.56 -7.14 11.17
C LEU B 122 8.77 -8.07 11.29
N MET B 123 8.61 -9.32 10.87
CA MET B 123 9.74 -10.25 10.94
C MET B 123 10.90 -9.78 10.07
N LYS B 124 10.59 -9.34 8.84
CA LYS B 124 11.64 -8.81 7.97
C LYS B 124 12.33 -7.61 8.59
N ALA B 125 11.56 -6.69 9.17
CA ALA B 125 12.14 -5.50 9.78
C ALA B 125 13.03 -5.86 10.96
N VAL B 126 12.58 -6.77 11.82
CA VAL B 126 13.41 -7.16 12.96
C VAL B 126 14.70 -7.81 12.48
N ALA B 127 14.64 -8.55 11.37
CA ALA B 127 15.82 -9.26 10.88
C ALA B 127 16.83 -8.32 10.22
N THR B 128 16.36 -7.23 9.62
CA THR B 128 17.22 -6.38 8.82
C THR B 128 17.56 -5.05 9.49
N VAL B 129 16.68 -4.54 10.35
CA VAL B 129 16.83 -3.20 10.92
C VAL B 129 17.42 -3.24 12.31
N GLY B 130 16.90 -4.11 13.17
CA GLY B 130 17.23 -4.06 14.57
C GLY B 130 15.97 -4.05 15.42
N PRO B 131 16.11 -3.67 16.69
CA PRO B 131 14.93 -3.59 17.58
C PRO B 131 13.85 -2.67 17.03
N ILE B 132 12.60 -3.10 17.17
CA ILE B 132 11.45 -2.42 16.60
C ILE B 132 10.49 -2.04 17.73
N SER B 133 10.04 -0.78 17.75
CA SER B 133 9.01 -0.37 18.68
C SER B 133 7.67 -0.95 18.25
N VAL B 134 6.92 -1.52 19.20
CA VAL B 134 5.58 -2.03 18.93
C VAL B 134 4.64 -1.67 20.06
N ALA B 135 3.36 -1.60 19.72
CA ALA B 135 2.28 -1.50 20.69
C ALA B 135 1.57 -2.86 20.79
N ILE B 136 1.20 -3.25 22.01
CA ILE B 136 0.50 -4.51 22.23
C ILE B 136 -0.67 -4.27 23.17
N ASP B 137 -1.65 -5.16 23.09
CA ASP B 137 -2.72 -5.22 24.09
C ASP B 137 -2.14 -5.91 25.33
N ALA B 138 -1.71 -5.11 26.30
CA ALA B 138 -1.18 -5.62 27.56
C ALA B 138 -2.18 -5.50 28.71
N GLY B 139 -3.40 -5.05 28.43
CA GLY B 139 -4.36 -4.79 29.49
C GLY B 139 -5.03 -6.02 30.02
N HIS B 140 -4.24 -6.99 30.48
CA HIS B 140 -4.76 -8.25 30.98
C HIS B 140 -3.94 -8.71 32.17
N GLU B 141 -4.64 -9.28 33.15
CA GLU B 141 -3.97 -9.78 34.34
C GLU B 141 -2.87 -10.77 34.00
N SER B 142 -3.06 -11.56 32.96
CA SER B 142 -2.06 -12.54 32.58
C SER B 142 -0.74 -11.88 32.19
N PHE B 143 -0.81 -10.71 31.55
CA PHE B 143 0.42 -10.00 31.19
C PHE B 143 1.06 -9.34 32.41
N LEU B 144 0.24 -8.83 33.33
CA LEU B 144 0.77 -8.25 34.56
C LEU B 144 1.61 -9.26 35.34
N PHE B 145 1.11 -10.50 35.45
CA PHE B 145 1.73 -11.53 36.27
C PHE B 145 2.66 -12.44 35.46
N TYR B 146 2.94 -12.11 34.22
CA TYR B 146 3.77 -12.97 33.38
C TYR B 146 5.16 -13.13 33.99
N LYS B 147 5.67 -14.37 33.94
CA LYS B 147 6.96 -14.69 34.52
C LYS B 147 7.85 -15.42 33.52
N GLU B 148 7.26 -16.26 32.67
CA GLU B 148 8.01 -16.95 31.63
C GLU B 148 7.03 -17.67 30.70
N GLY B 149 7.59 -18.23 29.63
CA GLY B 149 6.82 -18.98 28.65
C GLY B 149 6.47 -18.12 27.45
N ILE B 150 5.83 -18.77 26.48
CA ILE B 150 5.31 -18.06 25.31
C ILE B 150 3.95 -17.50 25.68
N TYR B 151 3.87 -16.18 25.80
CA TYR B 151 2.65 -15.53 26.26
C TYR B 151 1.57 -15.65 25.21
N PHE B 152 0.42 -16.19 25.60
CA PHE B 152 -0.77 -16.24 24.75
C PHE B 152 -1.99 -15.99 25.63
N GLU B 153 -2.66 -14.85 25.42
CA GLU B 153 -3.86 -14.50 26.16
C GLU B 153 -5.06 -14.57 25.22
N PRO B 154 -5.95 -15.56 25.34
CA PRO B 154 -7.06 -15.66 24.38
C PRO B 154 -7.91 -14.39 24.30
N ASP B 155 -8.01 -13.61 25.37
CA ASP B 155 -8.78 -12.38 25.36
C ASP B 155 -8.05 -11.22 24.71
N CYS B 156 -6.87 -11.44 24.14
CA CYS B 156 -6.08 -10.34 23.63
C CYS B 156 -6.66 -9.81 22.33
N SER B 157 -6.54 -8.50 22.14
CA SER B 157 -7.02 -7.82 20.95
C SER B 157 -5.87 -7.57 20.00
N SER B 158 -6.09 -7.82 18.72
CA SER B 158 -5.12 -7.52 17.67
C SER B 158 -5.28 -6.10 17.14
N GLU B 159 -6.23 -5.33 17.66
CA GLU B 159 -6.55 -4.02 17.13
C GLU B 159 -6.35 -2.90 18.14
N ASP B 160 -6.88 -3.06 19.35
CA ASP B 160 -6.76 -2.05 20.41
C ASP B 160 -5.57 -2.40 21.29
N MET B 161 -4.49 -1.64 21.18
CA MET B 161 -3.30 -1.81 22.00
C MET B 161 -3.19 -0.65 22.99
N ASP B 162 -2.52 -0.91 24.12
CA ASP B 162 -2.46 0.08 25.19
C ASP B 162 -1.07 0.23 25.80
N HIS B 163 -0.05 -0.40 25.24
CA HIS B 163 1.25 -0.47 25.89
C HIS B 163 2.36 -0.58 24.85
N GLY B 164 3.36 0.28 24.97
CA GLY B 164 4.49 0.27 24.06
C GLY B 164 5.63 -0.56 24.60
N VAL B 165 6.21 -1.40 23.75
CA VAL B 165 7.32 -2.26 24.10
C VAL B 165 8.26 -2.37 22.90
N LEU B 166 9.30 -3.19 23.04
CA LEU B 166 10.37 -3.25 22.06
C LEU B 166 10.62 -4.69 21.65
N VAL B 167 10.45 -4.98 20.36
CA VAL B 167 10.77 -6.30 19.84
C VAL B 167 12.26 -6.32 19.53
N VAL B 168 13.01 -7.20 20.19
CA VAL B 168 14.45 -7.31 20.02
C VAL B 168 14.86 -8.57 19.28
N GLY B 169 13.91 -9.44 18.95
CA GLY B 169 14.25 -10.61 18.17
C GLY B 169 13.04 -11.54 18.06
N TYR B 170 13.33 -12.76 17.65
CA TYR B 170 12.28 -13.77 17.50
C TYR B 170 12.95 -15.13 17.43
N GLY B 171 12.14 -16.17 17.60
CA GLY B 171 12.65 -17.51 17.56
C GLY B 171 11.53 -18.53 17.55
N PHE B 172 11.89 -19.76 17.89
CA PHE B 172 10.97 -20.88 17.79
C PHE B 172 11.35 -21.93 18.82
N GLU B 173 10.41 -22.81 19.11
CA GLU B 173 10.66 -23.90 20.06
C GLU B 173 11.43 -25.01 19.36
N ASN B 180 5.77 -23.57 17.78
CA ASN B 180 5.41 -22.42 18.59
C ASN B 180 6.50 -21.36 18.49
N LYS B 181 6.23 -20.33 17.70
CA LYS B 181 7.18 -19.26 17.44
C LYS B 181 6.85 -18.08 18.34
N TYR B 182 7.86 -17.23 18.57
CA TYR B 182 7.68 -16.15 19.51
C TYR B 182 8.46 -14.91 19.09
N TRP B 183 7.94 -13.76 19.52
CA TRP B 183 8.66 -12.50 19.50
C TRP B 183 9.35 -12.30 20.85
N LEU B 184 10.61 -11.89 20.82
CA LEU B 184 11.35 -11.56 22.04
C LEU B 184 11.18 -10.08 22.32
N VAL B 185 10.56 -9.75 23.45
CA VAL B 185 10.09 -8.40 23.70
C VAL B 185 10.70 -7.87 24.99
N LYS B 186 11.32 -6.69 24.90
CA LYS B 186 11.82 -5.97 26.05
C LYS B 186 10.70 -5.07 26.57
N ASN B 187 10.37 -5.22 27.85
CA ASN B 187 9.37 -4.39 28.51
C ASN B 187 10.08 -3.35 29.38
N SER B 188 9.31 -2.42 29.92
CA SER B 188 9.86 -1.34 30.71
C SER B 188 9.27 -1.31 32.12
N TRP B 189 9.06 -2.51 32.68
CA TRP B 189 8.51 -2.65 34.03
C TRP B 189 9.53 -3.22 35.00
N GLY B 190 10.82 -2.99 34.74
CA GLY B 190 11.87 -3.48 35.62
C GLY B 190 12.23 -4.94 35.37
N GLU B 191 13.36 -5.34 35.96
CA GLU B 191 13.84 -6.71 35.84
C GLU B 191 12.93 -7.70 36.56
N GLU B 192 12.28 -7.28 37.64
CA GLU B 192 11.46 -8.20 38.42
C GLU B 192 10.29 -8.73 37.60
N TRP B 193 9.81 -7.97 36.63
CA TRP B 193 8.68 -8.43 35.84
C TRP B 193 9.15 -9.42 34.79
N GLY B 194 8.33 -10.44 34.54
CA GLY B 194 8.60 -11.37 33.46
C GLY B 194 9.91 -12.12 33.64
N MET B 195 10.56 -12.40 32.52
CA MET B 195 11.83 -13.12 32.47
C MET B 195 12.95 -12.08 32.39
N GLY B 196 13.40 -11.63 33.55
CA GLY B 196 14.38 -10.55 33.59
C GLY B 196 13.92 -9.28 32.90
N GLY B 197 12.61 -9.03 32.88
CA GLY B 197 12.07 -7.88 32.21
C GLY B 197 11.64 -8.12 30.78
N TYR B 198 11.75 -9.35 30.29
CA TYR B 198 11.44 -9.72 28.93
C TYR B 198 10.23 -10.65 28.89
N VAL B 199 9.65 -10.77 27.70
CA VAL B 199 8.51 -11.65 27.48
C VAL B 199 8.64 -12.24 26.08
N LYS B 200 8.33 -13.52 25.96
CA LYS B 200 8.23 -14.19 24.67
C LYS B 200 6.76 -14.19 24.28
N MET B 201 6.43 -13.49 23.21
N MET B 201 6.44 -13.47 23.21
CA MET B 201 5.04 -13.31 22.79
CA MET B 201 5.05 -13.29 22.78
C MET B 201 4.76 -14.16 21.56
C MET B 201 4.78 -14.18 21.57
N ALA B 202 3.62 -14.84 21.59
CA ALA B 202 3.24 -15.73 20.50
C ALA B 202 3.37 -15.02 19.16
N LYS B 203 4.02 -15.67 18.22
CA LYS B 203 4.34 -15.13 16.91
C LYS B 203 3.61 -15.91 15.84
N ASP B 204 3.08 -15.19 14.84
CA ASP B 204 2.36 -15.81 13.72
C ASP B 204 1.12 -16.56 14.18
N ARG B 205 0.49 -16.07 15.24
CA ARG B 205 -0.80 -16.57 15.71
C ARG B 205 -1.83 -15.44 15.57
N ARG B 206 -2.17 -15.12 14.31
CA ARG B 206 -3.18 -14.11 14.00
C ARG B 206 -2.82 -12.75 14.61
N ASN B 207 -1.55 -12.36 14.52
CA ASN B 207 -1.08 -11.08 15.02
C ASN B 207 -1.48 -10.91 16.48
N HIS B 208 -1.01 -11.85 17.30
CA HIS B 208 -1.49 -11.93 18.66
C HIS B 208 -1.17 -10.65 19.43
N CYS B 209 -2.19 -10.11 20.11
CA CYS B 209 -2.13 -8.89 20.90
C CYS B 209 -1.75 -7.67 20.08
N GLY B 210 -1.81 -7.76 18.75
CA GLY B 210 -1.57 -6.60 17.91
C GLY B 210 -0.12 -6.21 17.73
N ILE B 211 0.80 -7.15 17.94
CA ILE B 211 2.22 -6.82 17.96
C ILE B 211 2.68 -6.23 16.63
N ALA B 212 2.02 -6.59 15.53
CA ALA B 212 2.37 -6.05 14.22
C ALA B 212 1.41 -4.98 13.73
N SER B 213 0.55 -4.45 14.62
CA SER B 213 -0.46 -3.48 14.21
C SER B 213 0.03 -2.04 14.27
N ALA B 214 1.08 -1.75 15.05
CA ALA B 214 1.62 -0.40 15.16
C ALA B 214 3.12 -0.48 15.43
N ALA B 215 3.84 -1.11 14.52
CA ALA B 215 5.28 -1.31 14.65
C ALA B 215 6.02 -0.23 13.88
N SER B 216 7.04 0.37 14.51
CA SER B 216 7.77 1.45 13.88
C SER B 216 9.20 1.50 14.40
N TYR B 217 10.03 2.28 13.73
CA TYR B 217 11.40 2.53 14.16
C TYR B 217 11.87 3.84 13.57
N PRO B 218 12.84 4.50 14.20
CA PRO B 218 13.32 5.79 13.68
C PRO B 218 14.25 5.64 12.49
N THR B 219 14.17 6.63 11.59
CA THR B 219 15.04 6.71 10.43
C THR B 219 16.37 7.32 10.86
N VAL B 220 17.45 6.54 10.78
CA VAL B 220 18.77 7.02 11.17
C VAL B 220 19.76 6.62 10.09
N SER C 4 -24.09 -7.02 -20.17
CA SER C 4 -23.05 -6.87 -19.16
C SER C 4 -23.46 -7.52 -17.84
N VAL C 5 -22.47 -7.90 -17.03
CA VAL C 5 -22.71 -8.53 -15.74
C VAL C 5 -21.61 -8.08 -14.79
N ASP C 6 -21.97 -7.95 -13.51
CA ASP C 6 -21.00 -7.58 -12.48
C ASP C 6 -21.48 -8.18 -11.16
N TRP C 7 -20.93 -9.34 -10.80
CA TRP C 7 -21.38 -10.05 -9.61
C TRP C 7 -21.04 -9.31 -8.32
N ARG C 8 -20.11 -8.35 -8.36
CA ARG C 8 -19.84 -7.54 -7.18
C ARG C 8 -21.08 -6.83 -6.69
N GLU C 9 -21.96 -6.43 -7.62
CA GLU C 9 -23.16 -5.69 -7.29
C GLU C 9 -24.22 -6.55 -6.62
N LYS C 10 -24.05 -7.87 -6.61
CA LYS C 10 -24.99 -8.78 -5.99
C LYS C 10 -24.47 -9.42 -4.72
N GLY C 11 -23.27 -9.04 -4.27
CA GLY C 11 -22.72 -9.52 -3.02
C GLY C 11 -21.80 -10.73 -3.13
N TYR C 12 -21.40 -11.11 -4.35
CA TYR C 12 -20.67 -12.36 -4.54
C TYR C 12 -19.17 -12.24 -4.30
N VAL C 13 -18.62 -11.03 -4.17
CA VAL C 13 -17.19 -10.83 -4.26
C VAL C 13 -16.67 -10.11 -3.03
N THR C 14 -15.63 -10.66 -2.42
CA THR C 14 -14.97 -10.05 -1.28
C THR C 14 -13.99 -8.98 -1.76
N PRO C 15 -13.41 -8.20 -0.86
CA PRO C 15 -12.43 -7.19 -1.29
C PRO C 15 -11.20 -7.81 -1.91
N VAL C 16 -10.48 -6.99 -2.68
CA VAL C 16 -9.24 -7.44 -3.29
C VAL C 16 -8.24 -7.81 -2.20
N LYS C 17 -7.53 -8.90 -2.42
CA LYS C 17 -6.47 -9.37 -1.53
C LYS C 17 -5.13 -9.25 -2.25
N ASN C 18 -4.07 -9.55 -1.51
CA ASN C 18 -2.71 -9.42 -2.03
C ASN C 18 -1.91 -10.67 -1.65
N GLN C 19 -1.57 -11.47 -2.66
CA GLN C 19 -0.81 -12.69 -2.44
C GLN C 19 0.63 -12.42 -2.05
N GLY C 20 1.14 -11.21 -2.27
CA GLY C 20 2.52 -10.94 -1.96
C GLY C 20 3.46 -11.58 -2.96
N GLN C 21 4.66 -11.93 -2.49
CA GLN C 21 5.69 -12.56 -3.31
C GLN C 21 5.67 -14.07 -3.23
N CYS C 22 4.47 -14.64 -3.20
CA CYS C 22 4.26 -16.08 -3.16
C CYS C 22 3.44 -16.47 -4.38
N GLY C 23 3.82 -17.56 -5.03
CA GLY C 23 3.14 -18.00 -6.24
C GLY C 23 1.81 -18.67 -5.96
N SER C 24 0.93 -17.95 -5.25
CA SER C 24 -0.31 -18.53 -4.75
C SER C 24 -1.55 -17.96 -5.43
N CYS C 25 -1.41 -17.33 -6.61
CA CYS C 25 -2.57 -16.84 -7.34
C CYS C 25 -3.68 -17.86 -7.39
N TRP C 26 -3.32 -19.13 -7.64
CA TRP C 26 -4.31 -20.19 -7.77
C TRP C 26 -5.18 -20.30 -6.53
N ALA C 27 -4.62 -20.03 -5.35
CA ALA C 27 -5.39 -20.13 -4.13
C ALA C 27 -6.38 -18.98 -4.02
N PHE C 28 -5.95 -17.76 -4.35
CA PHE C 28 -6.86 -16.62 -4.34
C PHE C 28 -7.92 -16.74 -5.41
N SER C 29 -7.56 -17.23 -6.59
CA SER C 29 -8.58 -17.46 -7.61
C SER C 29 -9.56 -18.53 -7.15
N ALA C 30 -9.05 -19.55 -6.43
CA ALA C 30 -9.91 -20.61 -5.95
C ALA C 30 -10.85 -20.12 -4.86
N THR C 31 -10.32 -19.37 -3.90
CA THR C 31 -11.16 -18.86 -2.83
C THR C 31 -12.19 -17.87 -3.38
N GLY C 32 -11.79 -17.07 -4.38
CA GLY C 32 -12.74 -16.15 -5.00
C GLY C 32 -13.94 -16.89 -5.57
N ALA C 33 -13.68 -17.94 -6.35
CA ALA C 33 -14.77 -18.67 -6.98
C ALA C 33 -15.58 -19.43 -5.93
N LEU C 34 -14.92 -19.97 -4.91
CA LEU C 34 -15.65 -20.64 -3.83
C LEU C 34 -16.42 -19.64 -2.99
N GLU C 35 -15.88 -18.44 -2.79
CA GLU C 35 -16.62 -17.40 -2.07
C GLU C 35 -17.92 -17.05 -2.79
N GLY C 36 -17.88 -17.01 -4.12
CA GLY C 36 -19.08 -16.66 -4.87
C GLY C 36 -20.11 -17.78 -4.89
N GLN C 37 -19.66 -19.02 -5.04
CA GLN C 37 -20.59 -20.14 -5.02
C GLN C 37 -21.15 -20.39 -3.62
N MET C 38 -20.34 -20.16 -2.59
CA MET C 38 -20.84 -20.29 -1.21
C MET C 38 -21.89 -19.22 -0.92
N PHE C 39 -21.63 -17.97 -1.33
CA PHE C 39 -22.66 -16.94 -1.20
C PHE C 39 -23.91 -17.32 -1.98
N ARG C 40 -23.72 -17.76 -3.23
CA ARG C 40 -24.86 -18.18 -4.05
C ARG C 40 -25.73 -19.18 -3.32
N LYS C 41 -25.10 -20.10 -2.59
CA LYS C 41 -25.83 -21.18 -1.92
C LYS C 41 -26.34 -20.79 -0.55
N THR C 42 -25.62 -19.94 0.18
CA THR C 42 -25.97 -19.63 1.56
C THR C 42 -26.49 -18.21 1.75
N GLY C 43 -26.16 -17.28 0.86
CA GLY C 43 -26.47 -15.89 1.12
C GLY C 43 -25.53 -15.21 2.09
N ARG C 44 -24.43 -15.87 2.47
CA ARG C 44 -23.42 -15.31 3.34
C ARG C 44 -22.13 -15.17 2.54
N LEU C 45 -21.51 -14.00 2.63
CA LEU C 45 -20.23 -13.75 1.97
C LEU C 45 -19.14 -13.77 3.05
N ILE C 46 -18.33 -14.82 3.04
CA ILE C 46 -17.30 -15.03 4.05
C ILE C 46 -15.97 -15.20 3.32
N SER C 47 -15.00 -14.36 3.66
CA SER C 47 -13.69 -14.44 3.05
C SER C 47 -12.99 -15.72 3.49
N LEU C 48 -12.43 -16.45 2.52
CA LEU C 48 -11.90 -17.79 2.73
C LEU C 48 -10.38 -17.76 2.82
N SER C 49 -9.81 -18.83 3.37
CA SER C 49 -8.39 -18.86 3.74
C SER C 49 -7.54 -19.41 2.60
N GLU C 50 -6.76 -18.53 1.97
CA GLU C 50 -5.79 -19.00 0.99
C GLU C 50 -4.66 -19.76 1.65
N GLN C 51 -4.29 -19.41 2.88
CA GLN C 51 -3.22 -20.12 3.58
C GLN C 51 -3.59 -21.58 3.74
N ASN C 52 -4.81 -21.85 4.20
CA ASN C 52 -5.34 -23.20 4.29
C ASN C 52 -5.02 -23.98 3.02
N LEU C 53 -5.31 -23.39 1.84
CA LEU C 53 -5.05 -24.08 0.59
C LEU C 53 -3.55 -24.24 0.35
N VAL C 54 -2.78 -23.15 0.56
CA VAL C 54 -1.34 -23.21 0.30
C VAL C 54 -0.69 -24.28 1.16
N ASP C 55 -1.08 -24.35 2.44
CA ASP C 55 -0.43 -25.25 3.38
C ASP C 55 -0.88 -26.70 3.23
N CYS C 56 -2.10 -26.94 2.73
CA CYS C 56 -2.78 -28.21 2.92
C CYS C 56 -3.08 -29.00 1.66
N SER C 57 -3.03 -28.38 0.48
CA SER C 57 -3.52 -29.02 -0.74
C SER C 57 -2.41 -29.66 -1.57
N GLY C 58 -1.25 -29.90 -0.97
CA GLY C 58 -0.20 -30.66 -1.61
C GLY C 58 -0.66 -32.00 -2.17
N PRO C 59 -1.38 -32.78 -1.36
CA PRO C 59 -1.80 -34.12 -1.83
C PRO C 59 -2.62 -34.09 -3.11
N GLN C 60 -3.29 -32.99 -3.41
CA GLN C 60 -4.11 -32.90 -4.61
C GLN C 60 -3.32 -32.45 -5.83
N GLY C 61 -2.10 -31.95 -5.66
CA GLY C 61 -1.26 -31.59 -6.78
C GLY C 61 -0.67 -30.20 -6.69
N ASN C 62 -1.10 -29.42 -5.70
CA ASN C 62 -0.61 -28.05 -5.60
C ASN C 62 0.75 -28.00 -4.94
N GLU C 63 1.48 -26.92 -5.20
CA GLU C 63 2.85 -26.77 -4.74
C GLU C 63 3.04 -25.44 -4.03
N GLY C 64 2.03 -25.04 -3.26
CA GLY C 64 2.18 -23.88 -2.38
C GLY C 64 2.53 -22.64 -3.17
N CYS C 65 3.60 -21.97 -2.73
CA CYS C 65 4.05 -20.75 -3.40
C CYS C 65 4.76 -21.02 -4.71
N ASN C 66 5.04 -22.28 -5.04
CA ASN C 66 5.68 -22.63 -6.29
C ASN C 66 4.68 -22.99 -7.38
N GLY C 67 3.41 -22.67 -7.18
CA GLY C 67 2.41 -22.87 -8.21
C GLY C 67 1.37 -23.89 -7.79
N GLY C 68 0.27 -23.89 -8.53
CA GLY C 68 -0.86 -24.76 -8.23
C GLY C 68 -1.96 -24.51 -9.25
N LEU C 69 -3.04 -25.26 -9.11
CA LEU C 69 -4.18 -25.14 -9.99
C LEU C 69 -5.44 -24.97 -9.16
N MET C 70 -6.34 -24.12 -9.63
CA MET C 70 -7.60 -23.90 -8.93
C MET C 70 -8.38 -25.19 -8.79
N ASP C 71 -8.36 -26.03 -9.84
CA ASP C 71 -9.07 -27.30 -9.79
C ASP C 71 -8.51 -28.20 -8.70
N TYR C 72 -7.19 -28.15 -8.48
CA TYR C 72 -6.60 -28.90 -7.38
C TYR C 72 -7.05 -28.35 -6.03
N ALA C 73 -7.28 -27.03 -5.95
CA ALA C 73 -7.81 -26.44 -4.72
C ALA C 73 -9.25 -26.89 -4.48
N PHE C 74 -10.08 -26.90 -5.54
CA PHE C 74 -11.46 -27.33 -5.38
C PHE C 74 -11.52 -28.79 -4.94
N GLN C 75 -10.60 -29.61 -5.46
CA GLN C 75 -10.57 -31.02 -5.08
C GLN C 75 -10.16 -31.19 -3.62
N TYR C 76 -9.20 -30.40 -3.17
CA TYR C 76 -8.80 -30.45 -1.76
C TYR C 76 -9.98 -30.18 -0.85
N VAL C 77 -10.75 -29.13 -1.15
CA VAL C 77 -11.90 -28.79 -0.31
C VAL C 77 -12.87 -29.96 -0.25
N GLN C 78 -13.09 -30.63 -1.39
CA GLN C 78 -13.95 -31.81 -1.40
C GLN C 78 -13.34 -32.93 -0.56
N ASP C 79 -12.09 -33.30 -0.84
CA ASP C 79 -11.46 -34.38 -0.09
C ASP C 79 -11.39 -34.05 1.40
N ASN C 80 -11.11 -32.80 1.73
CA ASN C 80 -10.89 -32.39 3.11
C ASN C 80 -12.19 -32.20 3.87
N GLY C 81 -13.31 -32.01 3.18
CA GLY C 81 -14.59 -31.80 3.84
C GLY C 81 -14.77 -30.42 4.43
N GLY C 82 -13.94 -29.46 4.05
CA GLY C 82 -14.09 -28.12 4.60
C GLY C 82 -12.91 -27.24 4.23
N LEU C 83 -13.07 -25.95 4.56
CA LEU C 83 -12.05 -24.94 4.34
C LEU C 83 -12.26 -23.82 5.35
N ASP C 84 -11.19 -23.43 6.03
CA ASP C 84 -11.33 -22.44 7.08
C ASP C 84 -11.51 -21.05 6.50
N SER C 85 -12.00 -20.14 7.34
CA SER C 85 -12.24 -18.78 6.94
C SER C 85 -10.94 -17.98 6.95
N GLU C 86 -10.89 -16.93 6.12
CA GLU C 86 -9.73 -16.05 6.10
C GLU C 86 -9.40 -15.56 7.51
N GLU C 87 -10.43 -15.17 8.28
CA GLU C 87 -10.19 -14.62 9.60
C GLU C 87 -9.55 -15.64 10.53
N SER C 88 -9.99 -16.90 10.45
CA SER C 88 -9.48 -17.92 11.37
C SER C 88 -8.08 -18.40 10.98
N TYR C 89 -7.76 -18.36 9.69
CA TYR C 89 -6.52 -18.94 9.15
C TYR C 89 -5.91 -17.91 8.21
N PRO C 90 -5.40 -16.80 8.75
CA PRO C 90 -5.04 -15.67 7.89
C PRO C 90 -3.82 -15.98 7.04
N TYR C 91 -3.62 -15.12 6.04
CA TYR C 91 -2.63 -15.36 5.00
C TYR C 91 -1.24 -14.89 5.43
N GLU C 92 -0.24 -15.73 5.18
CA GLU C 92 1.14 -15.48 5.57
C GLU C 92 2.08 -15.31 4.39
N ALA C 93 1.68 -15.65 3.17
CA ALA C 93 2.52 -15.49 1.99
C ALA C 93 3.77 -16.37 2.08
N THR C 94 3.60 -17.58 2.63
CA THR C 94 4.69 -18.54 2.74
C THR C 94 4.07 -19.88 3.12
N GLU C 95 4.63 -20.96 2.57
CA GLU C 95 4.06 -22.29 2.79
C GLU C 95 4.54 -22.84 4.12
N GLU C 96 3.59 -23.25 4.96
CA GLU C 96 3.87 -23.86 6.26
C GLU C 96 3.08 -25.16 6.35
N SER C 97 3.20 -25.84 7.48
CA SER C 97 2.46 -27.07 7.69
C SER C 97 0.95 -26.78 7.77
N CYS C 98 0.15 -27.80 7.49
CA CYS C 98 -1.29 -27.63 7.50
C CYS C 98 -1.83 -27.46 8.91
N LYS C 99 -2.58 -26.38 9.12
CA LYS C 99 -3.17 -26.09 10.43
C LYS C 99 -4.69 -26.09 10.36
N TYR C 100 -5.28 -26.73 9.35
CA TYR C 100 -6.73 -26.76 9.20
C TYR C 100 -7.40 -27.23 10.48
N ASN C 101 -8.50 -26.56 10.82
CA ASN C 101 -9.32 -26.93 11.98
C ASN C 101 -10.75 -27.06 11.51
N PRO C 102 -11.33 -28.27 11.50
CA PRO C 102 -12.70 -28.41 10.98
C PRO C 102 -13.70 -27.54 11.71
N LYS C 103 -13.44 -27.19 12.98
CA LYS C 103 -14.36 -26.36 13.73
C LYS C 103 -14.54 -24.99 13.11
N TYR C 104 -13.58 -24.51 12.33
CA TYR C 104 -13.63 -23.18 11.74
C TYR C 104 -13.87 -23.23 10.24
N SER C 105 -14.36 -24.34 9.73
CA SER C 105 -14.68 -24.43 8.31
C SER C 105 -15.98 -23.69 8.03
N VAL C 106 -16.00 -22.96 6.92
CA VAL C 106 -17.15 -22.15 6.56
C VAL C 106 -17.47 -22.41 5.09
N ALA C 107 -16.80 -23.39 4.50
CA ALA C 107 -16.95 -23.64 3.07
C ALA C 107 -16.83 -25.14 2.82
N ASN C 108 -17.45 -25.55 1.71
CA ASN C 108 -17.41 -26.94 1.26
C ASN C 108 -17.63 -26.91 -0.25
N ASP C 109 -17.25 -28.00 -0.90
CA ASP C 109 -17.68 -28.20 -2.28
C ASP C 109 -17.74 -29.70 -2.57
N ALA C 110 -18.48 -30.03 -3.61
CA ALA C 110 -18.69 -31.40 -4.03
C ALA C 110 -18.02 -31.70 -5.36
N GLY C 111 -16.91 -30.99 -5.64
CA GLY C 111 -16.21 -31.11 -6.90
C GLY C 111 -16.10 -29.76 -7.60
N PHE C 112 -15.97 -29.82 -8.92
CA PHE C 112 -15.76 -28.63 -9.70
C PHE C 112 -16.14 -28.91 -11.14
N VAL C 113 -16.33 -27.84 -11.90
CA VAL C 113 -16.77 -27.91 -13.29
C VAL C 113 -15.78 -27.12 -14.13
N ASP C 114 -15.20 -27.79 -15.13
CA ASP C 114 -14.37 -27.12 -16.13
C ASP C 114 -15.26 -26.67 -17.29
N ILE C 115 -15.00 -25.48 -17.80
CA ILE C 115 -15.82 -24.86 -18.83
C ILE C 115 -15.21 -25.16 -20.20
N PRO C 116 -16.01 -25.30 -21.25
CA PRO C 116 -15.43 -25.51 -22.58
C PRO C 116 -14.53 -24.36 -22.98
N LYS C 117 -13.46 -24.69 -23.70
CA LYS C 117 -12.44 -23.70 -24.07
C LYS C 117 -12.93 -22.83 -25.23
N GLN C 118 -13.84 -21.92 -24.90
CA GLN C 118 -14.24 -20.88 -25.83
C GLN C 118 -14.94 -19.78 -25.04
N GLU C 119 -14.71 -18.54 -25.45
CA GLU C 119 -15.21 -17.41 -24.68
C GLU C 119 -16.73 -17.35 -24.65
N LYS C 120 -17.41 -17.97 -25.61
CA LYS C 120 -18.86 -17.98 -25.58
C LYS C 120 -19.36 -18.80 -24.41
N ALA C 121 -18.74 -19.97 -24.15
CA ALA C 121 -19.10 -20.78 -23.00
C ALA C 121 -18.76 -20.09 -21.70
N LEU C 122 -17.59 -19.44 -21.64
CA LEU C 122 -17.21 -18.69 -20.46
C LEU C 122 -18.21 -17.58 -20.19
N MET C 123 -18.55 -16.80 -21.22
CA MET C 123 -19.59 -15.79 -21.09
C MET C 123 -20.86 -16.41 -20.52
N LYS C 124 -21.28 -17.55 -21.08
CA LYS C 124 -22.44 -18.26 -20.55
C LYS C 124 -22.24 -18.58 -19.08
N ALA C 125 -21.11 -19.18 -18.73
CA ALA C 125 -20.88 -19.58 -17.34
C ALA C 125 -20.96 -18.37 -16.41
N VAL C 126 -20.22 -17.30 -16.73
CA VAL C 126 -20.22 -16.12 -15.88
C VAL C 126 -21.64 -15.59 -15.71
N ALA C 127 -22.42 -15.57 -16.78
CA ALA C 127 -23.74 -14.97 -16.74
C ALA C 127 -24.73 -15.74 -15.88
N THR C 128 -24.45 -17.01 -15.58
CA THR C 128 -25.41 -17.89 -14.92
C THR C 128 -24.89 -18.53 -13.64
N VAL C 129 -23.58 -18.67 -13.47
CA VAL C 129 -23.02 -19.37 -12.32
C VAL C 129 -22.61 -18.36 -11.28
N GLY C 130 -21.70 -17.46 -11.67
CA GLY C 130 -21.09 -16.53 -10.76
C GLY C 130 -19.66 -16.30 -11.17
N PRO C 131 -18.85 -15.74 -10.26
CA PRO C 131 -17.42 -15.57 -10.56
C PRO C 131 -16.78 -16.91 -10.93
N ILE C 132 -15.85 -16.84 -11.88
CA ILE C 132 -15.27 -18.01 -12.52
C ILE C 132 -13.76 -17.94 -12.40
N SER C 133 -13.15 -19.02 -11.91
CA SER C 133 -11.68 -19.10 -11.91
C SER C 133 -11.19 -19.27 -13.34
N VAL C 134 -10.16 -18.51 -13.70
CA VAL C 134 -9.54 -18.63 -15.02
C VAL C 134 -8.03 -18.46 -14.87
N ALA C 135 -7.31 -19.00 -15.84
CA ALA C 135 -5.87 -18.80 -15.97
C ALA C 135 -5.60 -17.96 -17.21
N ILE C 136 -4.66 -17.01 -17.08
CA ILE C 136 -4.33 -16.08 -18.15
C ILE C 136 -2.82 -16.02 -18.31
N ASP C 137 -2.38 -15.52 -19.46
CA ASP C 137 -0.96 -15.26 -19.72
C ASP C 137 -0.66 -13.85 -19.20
N ALA C 138 -0.22 -13.77 -17.95
CA ALA C 138 0.09 -12.51 -17.31
C ALA C 138 1.57 -12.16 -17.34
N GLY C 139 2.39 -12.96 -18.01
CA GLY C 139 3.83 -12.74 -18.03
C GLY C 139 4.28 -11.65 -18.97
N HIS C 140 3.76 -10.43 -18.79
CA HIS C 140 4.12 -9.30 -19.63
C HIS C 140 4.21 -8.05 -18.78
N GLU C 141 5.22 -7.22 -19.06
CA GLU C 141 5.35 -5.94 -18.39
C GLU C 141 4.04 -5.16 -18.42
N SER C 142 3.37 -5.17 -19.58
CA SER C 142 2.14 -4.41 -19.72
C SER C 142 1.10 -4.83 -18.69
N PHE C 143 1.07 -6.10 -18.31
CA PHE C 143 0.14 -6.54 -17.28
C PHE C 143 0.60 -6.09 -15.90
N LEU C 144 1.90 -6.13 -15.64
CA LEU C 144 2.43 -5.62 -14.38
C LEU C 144 2.05 -4.16 -14.18
N PHE C 145 2.21 -3.35 -15.22
CA PHE C 145 2.02 -1.91 -15.13
C PHE C 145 0.60 -1.48 -15.49
N TYR C 146 -0.33 -2.43 -15.62
CA TYR C 146 -1.69 -2.08 -15.98
C TYR C 146 -2.33 -1.22 -14.91
N LYS C 147 -3.09 -0.21 -15.33
CA LYS C 147 -3.73 0.70 -14.39
C LYS C 147 -5.19 0.96 -14.74
N GLU C 148 -5.52 0.97 -16.03
CA GLU C 148 -6.85 1.34 -16.51
C GLU C 148 -6.98 0.90 -17.96
N GLY C 149 -8.21 0.63 -18.37
CA GLY C 149 -8.51 0.37 -19.76
C GLY C 149 -8.67 -1.10 -20.07
N ILE C 150 -9.10 -1.36 -21.31
CA ILE C 150 -9.25 -2.73 -21.79
C ILE C 150 -7.86 -3.24 -22.18
N TYR C 151 -7.34 -4.18 -21.39
CA TYR C 151 -5.99 -4.68 -21.58
C TYR C 151 -5.90 -5.51 -22.85
N PHE C 152 -4.86 -5.26 -23.64
CA PHE C 152 -4.52 -6.09 -24.78
C PHE C 152 -3.00 -6.10 -24.92
N GLU C 153 -2.45 -7.28 -25.24
CA GLU C 153 -1.02 -7.49 -25.33
C GLU C 153 -0.71 -8.37 -26.54
N PRO C 154 -0.12 -7.83 -27.61
CA PRO C 154 0.09 -8.64 -28.82
C PRO C 154 1.00 -9.84 -28.62
N ASP C 155 1.79 -9.88 -27.54
CA ASP C 155 2.64 -11.03 -27.23
C ASP C 155 1.93 -12.08 -26.37
N CYS C 156 0.68 -11.86 -26.00
CA CYS C 156 0.02 -12.81 -25.12
C CYS C 156 -0.19 -14.15 -25.82
N SER C 157 0.05 -15.23 -25.06
CA SER C 157 -0.22 -16.57 -25.52
C SER C 157 -1.60 -17.00 -25.02
N SER C 158 -2.36 -17.66 -25.89
CA SER C 158 -3.65 -18.21 -25.52
C SER C 158 -3.56 -19.65 -25.01
N GLU C 159 -2.34 -20.17 -24.82
CA GLU C 159 -2.16 -21.57 -24.49
C GLU C 159 -1.27 -21.74 -23.26
N ASP C 160 -0.29 -20.85 -23.08
CA ASP C 160 0.68 -20.95 -22.00
C ASP C 160 0.36 -19.90 -20.96
N MET C 161 -0.56 -20.24 -20.06
CA MET C 161 -0.97 -19.36 -18.98
C MET C 161 -0.09 -19.59 -17.76
N ASP C 162 0.04 -18.53 -16.93
CA ASP C 162 0.89 -18.62 -15.75
C ASP C 162 0.31 -17.90 -14.55
N HIS C 163 -0.94 -17.43 -14.61
CA HIS C 163 -1.52 -16.65 -13.53
C HIS C 163 -3.00 -16.93 -13.40
N GLY C 164 -3.44 -17.21 -12.18
CA GLY C 164 -4.83 -17.50 -11.90
C GLY C 164 -5.55 -16.29 -11.33
N VAL C 165 -6.67 -15.95 -11.95
CA VAL C 165 -7.46 -14.79 -11.54
C VAL C 165 -8.93 -15.17 -11.49
N LEU C 166 -9.79 -14.19 -11.27
CA LEU C 166 -11.23 -14.42 -11.10
C LEU C 166 -12.00 -13.51 -12.02
N VAL C 167 -12.81 -14.10 -12.90
CA VAL C 167 -13.72 -13.33 -13.73
C VAL C 167 -15.00 -13.08 -12.93
N VAL C 168 -15.31 -11.82 -12.67
CA VAL C 168 -16.50 -11.46 -11.90
C VAL C 168 -17.57 -10.82 -12.76
N GLY C 169 -17.35 -10.70 -14.07
CA GLY C 169 -18.35 -10.17 -14.96
C GLY C 169 -17.77 -9.89 -16.32
N TYR C 170 -18.51 -9.11 -17.11
CA TYR C 170 -18.08 -8.76 -18.45
C TYR C 170 -18.90 -7.57 -18.91
N GLY C 171 -18.39 -6.88 -19.92
CA GLY C 171 -19.06 -5.70 -20.43
C GLY C 171 -18.61 -5.37 -21.84
N PHE C 172 -19.13 -4.26 -22.34
CA PHE C 172 -18.80 -3.73 -23.64
C PHE C 172 -18.31 -2.30 -23.51
N GLU C 173 -17.68 -1.79 -24.56
CA GLU C 173 -17.32 -0.38 -24.65
C GLU C 173 -18.34 0.42 -25.45
N SER C 174 -19.39 -0.22 -25.94
CA SER C 174 -20.40 0.46 -26.75
C SER C 174 -21.75 -0.24 -26.64
N ASN C 180 -15.21 -3.58 -28.86
CA ASN C 180 -14.18 -3.73 -27.82
C ASN C 180 -14.83 -4.10 -26.49
N LYS C 181 -15.27 -5.34 -26.38
CA LYS C 181 -15.85 -5.86 -25.15
C LYS C 181 -14.75 -6.34 -24.22
N TYR C 182 -15.11 -6.64 -22.98
CA TYR C 182 -14.10 -6.96 -22.00
C TYR C 182 -14.66 -7.90 -20.93
N TRP C 183 -13.73 -8.59 -20.27
CA TRP C 183 -13.99 -9.34 -19.07
C TRP C 183 -13.59 -8.51 -17.85
N LEU C 184 -14.43 -8.50 -16.83
CA LEU C 184 -14.10 -7.86 -15.56
C LEU C 184 -13.42 -8.89 -14.66
N VAL C 185 -12.17 -8.62 -14.29
CA VAL C 185 -11.33 -9.63 -13.64
C VAL C 185 -10.77 -9.07 -12.33
N LYS C 186 -10.90 -9.86 -11.27
CA LYS C 186 -10.30 -9.56 -9.97
C LYS C 186 -8.94 -10.24 -9.88
N ASN C 187 -7.90 -9.45 -9.65
CA ASN C 187 -6.55 -9.95 -9.41
C ASN C 187 -6.30 -10.04 -7.91
N SER C 188 -5.18 -10.66 -7.54
CA SER C 188 -4.79 -10.83 -6.15
C SER C 188 -3.45 -10.18 -5.89
N TRP C 189 -3.21 -9.03 -6.52
CA TRP C 189 -1.99 -8.26 -6.34
C TRP C 189 -2.21 -7.02 -5.49
N GLY C 190 -3.34 -6.96 -4.79
CA GLY C 190 -3.65 -5.82 -3.95
C GLY C 190 -4.38 -4.72 -4.69
N GLU C 191 -4.83 -3.74 -3.91
CA GLU C 191 -5.65 -2.66 -4.43
C GLU C 191 -4.88 -1.63 -5.24
N GLU C 192 -3.56 -1.56 -5.03
CA GLU C 192 -2.74 -0.56 -5.71
C GLU C 192 -2.44 -0.93 -7.15
N TRP C 193 -2.65 -2.19 -7.54
CA TRP C 193 -2.45 -2.62 -8.91
C TRP C 193 -3.74 -2.46 -9.70
N GLY C 194 -3.60 -2.12 -10.97
CA GLY C 194 -4.74 -2.07 -11.86
C GLY C 194 -5.75 -1.02 -11.45
N MET C 195 -7.02 -1.36 -11.57
CA MET C 195 -8.14 -0.49 -11.26
C MET C 195 -8.73 -0.95 -9.94
N GLY C 196 -8.20 -0.42 -8.84
CA GLY C 196 -8.56 -0.94 -7.53
C GLY C 196 -8.30 -2.41 -7.39
N GLY C 197 -7.30 -2.95 -8.09
CA GLY C 197 -7.02 -4.36 -8.09
C GLY C 197 -7.75 -5.15 -9.14
N TYR C 198 -8.56 -4.51 -9.98
CA TYR C 198 -9.27 -5.16 -11.06
C TYR C 198 -8.65 -4.83 -12.41
N VAL C 199 -9.01 -5.62 -13.40
CA VAL C 199 -8.53 -5.43 -14.76
C VAL C 199 -9.65 -5.77 -15.73
N LYS C 200 -9.84 -4.92 -16.72
CA LYS C 200 -10.67 -5.24 -17.88
C LYS C 200 -9.78 -5.92 -18.92
N MET C 201 -10.06 -7.18 -19.22
N MET C 201 -10.06 -7.19 -19.21
CA MET C 201 -9.31 -7.94 -20.20
CA MET C 201 -9.32 -7.94 -20.20
C MET C 201 -10.09 -7.99 -21.51
C MET C 201 -10.09 -7.98 -21.50
N ALA C 202 -9.37 -7.93 -22.62
CA ALA C 202 -10.01 -7.93 -23.93
C ALA C 202 -10.85 -9.20 -24.12
N LYS C 203 -12.12 -9.00 -24.45
CA LYS C 203 -13.07 -10.09 -24.63
C LYS C 203 -13.39 -10.28 -26.10
N ASP C 204 -13.54 -11.55 -26.50
CA ASP C 204 -13.92 -11.91 -27.88
C ASP C 204 -12.83 -11.50 -28.88
N ARG C 205 -11.57 -11.64 -28.46
CA ARG C 205 -10.45 -11.35 -29.35
C ARG C 205 -9.52 -12.55 -29.48
N ARG C 206 -10.03 -13.65 -30.05
N ARG C 206 -10.04 -13.65 -30.02
CA ARG C 206 -9.22 -14.84 -30.28
CA ARG C 206 -9.24 -14.85 -30.28
C ARG C 206 -8.71 -15.44 -28.96
C ARG C 206 -8.72 -15.44 -28.97
N ASN C 207 -9.59 -15.51 -27.97
CA ASN C 207 -9.24 -16.08 -26.67
C ASN C 207 -7.97 -15.42 -26.13
N HIS C 208 -8.05 -14.09 -26.01
CA HIS C 208 -6.88 -13.30 -25.71
C HIS C 208 -6.31 -13.65 -24.35
N CYS C 209 -5.00 -13.90 -24.31
CA CYS C 209 -4.29 -14.26 -23.09
C CYS C 209 -4.79 -15.56 -22.49
N GLY C 210 -5.50 -16.35 -23.28
CA GLY C 210 -5.98 -17.65 -22.85
C GLY C 210 -6.99 -17.62 -21.73
N ILE C 211 -7.78 -16.54 -21.62
CA ILE C 211 -8.69 -16.40 -20.50
C ILE C 211 -9.73 -17.51 -20.46
N ALA C 212 -10.05 -18.11 -21.60
CA ALA C 212 -11.07 -19.15 -21.67
C ALA C 212 -10.51 -20.56 -21.73
N SER C 213 -9.18 -20.71 -21.74
CA SER C 213 -8.57 -22.01 -21.96
C SER C 213 -8.45 -22.85 -20.69
N ALA C 214 -8.78 -22.29 -19.53
CA ALA C 214 -8.72 -23.04 -18.28
C ALA C 214 -9.63 -22.41 -17.24
N ALA C 215 -10.91 -22.31 -17.55
CA ALA C 215 -11.91 -21.72 -16.65
C ALA C 215 -12.69 -22.83 -15.96
N SER C 216 -13.07 -22.57 -14.71
CA SER C 216 -13.77 -23.57 -13.91
C SER C 216 -14.33 -22.90 -12.66
N TYR C 217 -15.19 -23.63 -11.97
CA TYR C 217 -15.81 -23.14 -10.74
C TYR C 217 -16.16 -24.33 -9.87
N PRO C 218 -16.27 -24.13 -8.55
CA PRO C 218 -16.55 -25.26 -7.66
C PRO C 218 -18.04 -25.58 -7.61
N THR C 219 -18.34 -26.87 -7.55
CA THR C 219 -19.72 -27.32 -7.39
C THR C 219 -20.09 -27.25 -5.91
N VAL C 220 -21.06 -26.41 -5.58
CA VAL C 220 -21.44 -26.19 -4.19
C VAL C 220 -22.93 -26.47 -4.02
N ALA D 1 21.47 24.87 -2.94
CA ALA D 1 20.88 24.49 -4.25
C ALA D 1 19.53 25.18 -4.41
N PRO D 2 18.99 25.19 -5.63
CA PRO D 2 17.64 25.72 -5.82
C PRO D 2 16.61 24.89 -5.06
N ARG D 3 15.44 25.49 -4.84
CA ARG D 3 14.41 24.78 -4.09
C ARG D 3 13.85 23.61 -4.87
N SER D 4 13.91 23.67 -6.20
CA SER D 4 13.48 22.58 -7.06
C SER D 4 14.27 22.65 -8.35
N VAL D 5 14.43 21.49 -8.98
CA VAL D 5 15.15 21.36 -10.25
C VAL D 5 14.40 20.35 -11.10
N ASP D 6 14.33 20.64 -12.41
CA ASP D 6 13.79 19.68 -13.38
C ASP D 6 14.52 19.92 -14.69
N TRP D 7 15.49 19.05 -14.99
CA TRP D 7 16.32 19.26 -16.18
C TRP D 7 15.56 18.96 -17.46
N ARG D 8 14.43 18.25 -17.38
CA ARG D 8 13.61 18.04 -18.56
C ARG D 8 13.17 19.37 -19.16
N GLU D 9 12.90 20.36 -18.32
CA GLU D 9 12.46 21.66 -18.79
C GLU D 9 13.58 22.48 -19.41
N LYS D 10 14.83 22.06 -19.22
CA LYS D 10 15.99 22.71 -19.81
C LYS D 10 16.51 21.98 -21.04
N GLY D 11 15.86 20.89 -21.45
CA GLY D 11 16.22 20.19 -22.66
C GLY D 11 17.26 19.11 -22.50
N TYR D 12 17.59 18.72 -21.27
CA TYR D 12 18.68 17.80 -21.00
C TYR D 12 18.29 16.34 -21.11
N VAL D 13 17.00 16.03 -21.27
CA VAL D 13 16.48 14.69 -21.00
C VAL D 13 15.70 14.21 -22.21
N THR D 14 16.07 13.03 -22.72
CA THR D 14 15.34 12.40 -23.82
C THR D 14 14.08 11.75 -23.27
N PRO D 15 13.20 11.25 -24.14
CA PRO D 15 12.01 10.54 -23.68
C PRO D 15 12.35 9.27 -22.92
N VAL D 16 11.37 8.80 -22.14
CA VAL D 16 11.53 7.54 -21.42
C VAL D 16 11.69 6.39 -22.41
N LYS D 17 12.61 5.49 -22.08
CA LYS D 17 12.90 4.31 -22.89
C LYS D 17 12.44 3.06 -22.14
N ASN D 18 12.59 1.91 -22.79
CA ASN D 18 12.14 0.64 -22.22
C ASN D 18 13.21 -0.42 -22.44
N GLN D 19 13.85 -0.84 -21.34
CA GLN D 19 14.90 -1.85 -21.41
C GLN D 19 14.36 -3.24 -21.70
N GLY D 20 13.05 -3.46 -21.61
CA GLY D 20 12.51 -4.77 -21.85
C GLY D 20 12.92 -5.75 -20.75
N GLN D 21 12.99 -7.03 -21.12
CA GLN D 21 13.32 -8.09 -20.17
C GLN D 21 14.83 -8.37 -20.20
N CYS D 22 15.60 -7.33 -19.95
CA CYS D 22 17.05 -7.38 -20.00
C CYS D 22 17.62 -6.55 -18.86
N GLY D 23 18.58 -7.10 -18.13
CA GLY D 23 19.16 -6.41 -16.99
C GLY D 23 20.10 -5.28 -17.39
N SER D 24 19.64 -4.40 -18.27
CA SER D 24 20.45 -3.33 -18.83
C SER D 24 20.14 -1.96 -18.25
N CYS D 25 19.53 -1.91 -17.05
CA CYS D 25 19.23 -0.63 -16.41
C CYS D 25 20.44 0.30 -16.39
N TRP D 26 21.62 -0.27 -16.08
CA TRP D 26 22.84 0.51 -16.00
C TRP D 26 23.16 1.22 -17.31
N ALA D 27 22.79 0.60 -18.44
CA ALA D 27 23.06 1.22 -19.73
C ALA D 27 22.13 2.40 -19.98
N PHE D 28 20.86 2.27 -19.60
CA PHE D 28 19.90 3.37 -19.75
C PHE D 28 20.21 4.51 -18.79
N SER D 29 20.66 4.18 -17.58
CA SER D 29 21.12 5.21 -16.65
C SER D 29 22.32 5.96 -17.22
N ALA D 30 23.27 5.22 -17.79
CA ALA D 30 24.50 5.83 -18.28
C ALA D 30 24.24 6.75 -19.46
N THR D 31 23.46 6.28 -20.44
CA THR D 31 23.15 7.14 -21.58
C THR D 31 22.38 8.38 -21.13
N GLY D 32 21.46 8.21 -20.18
CA GLY D 32 20.75 9.35 -19.65
C GLY D 32 21.69 10.42 -19.13
N ALA D 33 22.65 10.02 -18.31
CA ALA D 33 23.61 10.99 -17.77
C ALA D 33 24.45 11.60 -18.89
N LEU D 34 24.92 10.77 -19.83
CA LEU D 34 25.75 11.28 -20.91
C LEU D 34 24.95 12.15 -21.87
N GLU D 35 23.71 11.76 -22.16
CA GLU D 35 22.85 12.60 -22.98
C GLU D 35 22.76 14.01 -22.39
N GLY D 36 22.69 14.11 -21.07
CA GLY D 36 22.55 15.42 -20.44
C GLY D 36 23.84 16.22 -20.48
N GLN D 37 24.97 15.57 -20.23
CA GLN D 37 26.25 16.27 -20.28
C GLN D 37 26.63 16.65 -21.71
N MET D 38 26.27 15.83 -22.70
CA MET D 38 26.51 16.22 -24.08
C MET D 38 25.68 17.44 -24.45
N PHE D 39 24.42 17.47 -24.00
CA PHE D 39 23.60 18.66 -24.25
C PHE D 39 24.21 19.89 -23.60
N ARG D 40 24.66 19.78 -22.35
CA ARG D 40 25.25 20.92 -21.67
C ARG D 40 26.51 21.41 -22.39
N LYS D 41 27.10 20.58 -23.25
CA LYS D 41 28.33 20.93 -23.93
C LYS D 41 28.12 21.37 -25.37
N THR D 42 27.14 20.82 -26.08
CA THR D 42 26.92 21.13 -27.48
C THR D 42 25.63 21.85 -27.77
N GLY D 43 24.65 21.81 -26.86
CA GLY D 43 23.35 22.36 -27.13
C GLY D 43 22.42 21.47 -27.92
N ARG D 44 22.81 20.23 -28.18
N ARG D 44 22.83 20.24 -28.21
CA ARG D 44 21.97 19.31 -28.96
CA ARG D 44 22.02 19.29 -28.96
C ARG D 44 21.71 18.05 -28.16
C ARG D 44 21.71 18.08 -28.09
N LEU D 45 20.44 17.71 -28.03
CA LEU D 45 20.01 16.49 -27.35
C LEU D 45 19.94 15.37 -28.37
N ILE D 46 20.77 14.34 -28.20
CA ILE D 46 20.82 13.22 -29.13
C ILE D 46 20.75 11.94 -28.31
N SER D 47 19.70 11.15 -28.54
CA SER D 47 19.53 9.90 -27.83
C SER D 47 20.67 8.94 -28.15
N LEU D 48 21.19 8.28 -27.13
CA LEU D 48 22.39 7.47 -27.22
C LEU D 48 22.04 5.98 -27.16
N SER D 49 22.96 5.16 -27.64
CA SER D 49 22.68 3.74 -27.85
C SER D 49 23.00 2.96 -26.59
N GLU D 50 21.96 2.43 -25.94
CA GLU D 50 22.18 1.48 -24.86
C GLU D 50 22.74 0.16 -25.39
N GLN D 51 22.32 -0.24 -26.60
CA GLN D 51 22.83 -1.49 -27.17
C GLN D 51 24.34 -1.43 -27.35
N ASN D 52 24.85 -0.27 -27.78
CA ASN D 52 26.28 -0.06 -27.87
C ASN D 52 26.97 -0.39 -26.55
N LEU D 53 26.39 0.04 -25.44
CA LEU D 53 26.99 -0.25 -24.14
C LEU D 53 26.81 -1.73 -23.78
N VAL D 54 25.65 -2.30 -24.07
CA VAL D 54 25.39 -3.69 -23.72
C VAL D 54 26.34 -4.62 -24.48
N ASP D 55 26.55 -4.36 -25.77
CA ASP D 55 27.34 -5.25 -26.61
C ASP D 55 28.84 -5.08 -26.39
N CYS D 56 29.30 -3.89 -26.01
CA CYS D 56 30.70 -3.52 -26.13
C CYS D 56 31.44 -3.24 -24.83
N SER D 57 30.76 -3.00 -23.72
CA SER D 57 31.41 -2.52 -22.51
C SER D 57 31.77 -3.64 -21.54
N GLY D 58 31.74 -4.91 -21.99
CA GLY D 58 32.24 -6.00 -21.20
C GLY D 58 33.65 -5.85 -20.71
N PRO D 59 34.58 -5.37 -21.55
CA PRO D 59 35.97 -5.23 -21.10
C PRO D 59 36.13 -4.31 -19.91
N GLN D 60 35.20 -3.37 -19.70
CA GLN D 60 35.27 -2.47 -18.56
C GLN D 60 34.60 -3.04 -17.32
N GLY D 61 33.96 -4.20 -17.41
CA GLY D 61 33.36 -4.87 -16.27
C GLY D 61 31.88 -5.15 -16.39
N ASN D 62 31.21 -4.63 -17.40
CA ASN D 62 29.77 -4.83 -17.51
C ASN D 62 29.47 -6.21 -18.09
N GLU D 63 28.26 -6.68 -17.82
CA GLU D 63 27.88 -8.05 -18.16
C GLU D 63 26.56 -8.08 -18.90
N GLY D 64 26.37 -7.12 -19.80
CA GLY D 64 25.27 -7.20 -20.75
C GLY D 64 23.93 -7.14 -20.06
N CYS D 65 23.05 -8.08 -20.43
CA CYS D 65 21.75 -8.19 -19.77
C CYS D 65 21.85 -8.78 -18.38
N ASN D 66 23.02 -9.24 -17.97
CA ASN D 66 23.22 -9.81 -16.63
C ASN D 66 23.72 -8.78 -15.64
N GLY D 67 23.69 -7.50 -15.98
CA GLY D 67 24.02 -6.44 -15.05
C GLY D 67 25.27 -5.70 -15.47
N GLY D 68 25.46 -4.56 -14.80
CA GLY D 68 26.54 -3.65 -15.14
C GLY D 68 26.50 -2.46 -14.21
N LEU D 69 27.45 -1.55 -14.40
CA LEU D 69 27.54 -0.34 -13.60
C LEU D 69 27.72 0.84 -14.53
N MET D 70 27.09 1.96 -14.15
CA MET D 70 27.15 3.16 -14.96
C MET D 70 28.59 3.66 -15.10
N ASP D 71 29.36 3.61 -14.03
CA ASP D 71 30.77 4.02 -14.12
C ASP D 71 31.53 3.20 -15.15
N TYR D 72 31.25 1.90 -15.22
CA TYR D 72 31.90 1.07 -16.23
C TYR D 72 31.49 1.49 -17.63
N ALA D 73 30.23 1.91 -17.80
CA ALA D 73 29.80 2.41 -19.10
C ALA D 73 30.51 3.72 -19.43
N PHE D 74 30.68 4.59 -18.44
CA PHE D 74 31.40 5.84 -18.66
C PHE D 74 32.86 5.55 -19.02
N GLN D 75 33.49 4.60 -18.33
CA GLN D 75 34.86 4.23 -18.65
C GLN D 75 34.96 3.71 -20.07
N TYR D 76 33.97 2.93 -20.50
CA TYR D 76 33.96 2.44 -21.87
C TYR D 76 33.99 3.60 -22.87
N VAL D 77 33.11 4.59 -22.67
CA VAL D 77 33.06 5.71 -23.61
C VAL D 77 34.40 6.42 -23.65
N GLN D 78 35.07 6.54 -22.51
CA GLN D 78 36.41 7.12 -22.49
C GLN D 78 37.40 6.24 -23.25
N ASP D 79 37.47 4.96 -22.89
CA ASP D 79 38.40 4.04 -23.55
C ASP D 79 38.11 3.93 -25.04
N ASN D 80 36.83 3.93 -25.40
CA ASN D 80 36.41 3.68 -26.77
C ASN D 80 36.53 4.91 -27.65
N GLY D 81 36.58 6.09 -27.08
CA GLY D 81 36.60 7.31 -27.86
C GLY D 81 35.26 7.74 -28.39
N GLY D 82 34.16 7.09 -27.99
CA GLY D 82 32.86 7.55 -28.44
C GLY D 82 31.77 6.54 -28.14
N LEU D 83 30.57 6.91 -28.58
CA LEU D 83 29.36 6.12 -28.35
C LEU D 83 28.36 6.48 -29.45
N ASP D 84 27.79 5.45 -30.10
CA ASP D 84 26.89 5.69 -31.22
C ASP D 84 25.53 6.21 -30.74
N SER D 85 24.82 6.85 -31.66
CA SER D 85 23.48 7.33 -31.37
C SER D 85 22.49 6.16 -31.29
N GLU D 86 21.39 6.40 -30.58
CA GLU D 86 20.33 5.41 -30.50
C GLU D 86 19.83 5.03 -31.89
N GLU D 87 19.65 6.02 -32.76
CA GLU D 87 19.10 5.74 -34.08
C GLU D 87 20.02 4.84 -34.90
N SER D 88 21.33 5.05 -34.78
CA SER D 88 22.29 4.30 -35.57
C SER D 88 22.63 2.94 -34.98
N TYR D 89 22.30 2.69 -33.72
CA TYR D 89 22.63 1.45 -33.03
C TYR D 89 21.45 1.11 -32.13
N PRO D 90 20.33 0.70 -32.73
CA PRO D 90 19.10 0.57 -31.97
C PRO D 90 19.15 -0.56 -30.96
N TYR D 91 18.15 -0.55 -30.08
CA TYR D 91 18.10 -1.43 -28.92
C TYR D 91 17.30 -2.69 -29.24
N GLU D 92 17.89 -3.85 -28.92
CA GLU D 92 17.26 -5.14 -29.17
C GLU D 92 16.88 -5.88 -27.90
N ALA D 93 17.22 -5.36 -26.73
CA ALA D 93 16.88 -5.99 -25.45
C ALA D 93 17.51 -7.38 -25.32
N THR D 94 18.64 -7.59 -25.99
CA THR D 94 19.42 -8.79 -25.82
C THR D 94 20.86 -8.51 -26.24
N GLU D 95 21.80 -9.24 -25.65
N GLU D 95 21.79 -9.26 -25.67
CA GLU D 95 23.20 -9.03 -25.93
CA GLU D 95 23.20 -9.03 -25.93
C GLU D 95 23.56 -9.59 -27.29
C GLU D 95 23.59 -9.61 -27.28
N GLU D 96 24.41 -8.86 -28.02
CA GLU D 96 24.93 -9.28 -29.31
C GLU D 96 26.39 -8.88 -29.39
N SER D 97 27.05 -9.22 -30.51
CA SER D 97 28.43 -8.80 -30.67
C SER D 97 28.49 -7.29 -30.88
N CYS D 98 29.65 -6.72 -30.63
CA CYS D 98 29.79 -5.27 -30.62
C CYS D 98 29.89 -4.74 -32.05
N LYS D 99 29.05 -3.75 -32.38
CA LYS D 99 28.96 -3.22 -33.73
C LYS D 99 29.30 -1.74 -33.78
N TYR D 100 30.05 -1.23 -32.79
CA TYR D 100 30.33 0.19 -32.70
C TYR D 100 31.01 0.69 -33.97
N ASN D 101 30.59 1.86 -34.43
CA ASN D 101 31.17 2.53 -35.59
C ASN D 101 31.43 3.97 -35.19
N PRO D 102 32.70 4.42 -35.15
CA PRO D 102 32.97 5.78 -34.67
C PRO D 102 32.47 6.87 -35.59
N LYS D 103 32.19 6.57 -36.86
CA LYS D 103 31.58 7.56 -37.73
C LYS D 103 30.23 8.01 -37.19
N TYR D 104 29.53 7.14 -36.47
CA TYR D 104 28.22 7.44 -35.94
C TYR D 104 28.24 7.81 -34.47
N SER D 105 29.43 7.98 -33.89
CA SER D 105 29.52 8.44 -32.51
C SER D 105 29.00 9.87 -32.40
N VAL D 106 28.30 10.15 -31.31
CA VAL D 106 27.75 11.48 -31.09
C VAL D 106 28.07 11.92 -29.65
N ALA D 107 28.89 11.14 -28.95
CA ALA D 107 29.22 11.46 -27.57
C ALA D 107 30.63 10.97 -27.26
N ASN D 108 31.19 11.54 -26.19
CA ASN D 108 32.48 11.12 -25.65
C ASN D 108 32.53 11.62 -24.22
N ASP D 109 33.47 11.08 -23.44
CA ASP D 109 33.68 11.58 -22.09
C ASP D 109 35.14 11.33 -21.69
N ALA D 110 35.54 12.01 -20.61
CA ALA D 110 36.91 11.98 -20.11
C ALA D 110 36.99 11.30 -18.74
N GLY D 111 36.12 10.34 -18.51
CA GLY D 111 36.00 9.70 -17.21
C GLY D 111 34.69 10.06 -16.55
N PHE D 112 34.69 9.97 -15.22
CA PHE D 112 33.49 10.18 -14.45
C PHE D 112 33.85 10.69 -13.07
N VAL D 113 32.85 11.20 -12.37
CA VAL D 113 32.97 11.67 -11.00
C VAL D 113 32.02 10.86 -10.15
N ASP D 114 32.53 10.31 -9.04
CA ASP D 114 31.69 9.67 -8.05
C ASP D 114 31.29 10.69 -7.00
N ILE D 115 29.99 10.76 -6.70
CA ILE D 115 29.48 11.75 -5.75
C ILE D 115 29.57 11.17 -4.34
N PRO D 116 30.01 11.94 -3.34
CA PRO D 116 30.02 11.42 -1.97
C PRO D 116 28.63 10.91 -1.59
N LYS D 117 28.62 9.91 -0.71
CA LYS D 117 27.39 9.15 -0.44
C LYS D 117 26.54 9.86 0.63
N GLN D 118 25.96 10.98 0.21
CA GLN D 118 25.12 11.78 1.08
C GLN D 118 24.21 12.63 0.20
N GLU D 119 22.96 12.81 0.64
CA GLU D 119 21.96 13.41 -0.24
C GLU D 119 22.22 14.90 -0.46
N LYS D 120 22.88 15.57 0.48
CA LYS D 120 23.27 16.96 0.23
C LYS D 120 24.24 17.05 -0.94
N ALA D 121 25.22 16.15 -0.99
CA ALA D 121 26.14 16.10 -2.12
C ALA D 121 25.40 15.79 -3.41
N LEU D 122 24.47 14.82 -3.38
CA LEU D 122 23.69 14.50 -4.56
C LEU D 122 22.86 15.68 -5.04
N MET D 123 22.21 16.39 -4.11
CA MET D 123 21.43 17.55 -4.49
C MET D 123 22.31 18.60 -5.17
N LYS D 124 23.46 18.91 -4.57
CA LYS D 124 24.37 19.87 -5.19
C LYS D 124 24.75 19.42 -6.60
N ALA D 125 25.04 18.13 -6.77
CA ALA D 125 25.44 17.64 -8.08
C ALA D 125 24.31 17.78 -9.09
N VAL D 126 23.09 17.40 -8.71
CA VAL D 126 21.96 17.54 -9.62
C VAL D 126 21.75 19.00 -9.98
N ALA D 127 21.84 19.89 -8.98
CA ALA D 127 21.59 21.30 -9.22
C ALA D 127 22.66 21.94 -10.12
N THR D 128 23.89 21.44 -10.09
CA THR D 128 25.01 22.13 -10.73
C THR D 128 25.55 21.43 -11.96
N VAL D 129 25.31 20.14 -12.12
CA VAL D 129 25.86 19.36 -13.23
C VAL D 129 24.82 19.07 -14.28
N GLY D 130 23.70 18.50 -13.88
CA GLY D 130 22.75 17.93 -14.80
C GLY D 130 22.20 16.64 -14.23
N PRO D 131 21.50 15.87 -15.05
CA PRO D 131 21.01 14.57 -14.59
C PRO D 131 22.16 13.67 -14.12
N ILE D 132 21.90 12.90 -13.07
CA ILE D 132 22.91 12.12 -12.37
C ILE D 132 22.51 10.65 -12.40
N SER D 133 23.48 9.78 -12.68
CA SER D 133 23.25 8.35 -12.61
C SER D 133 23.26 7.89 -11.16
N VAL D 134 22.29 7.05 -10.80
CA VAL D 134 22.17 6.58 -9.43
C VAL D 134 21.67 5.14 -9.47
N ALA D 135 21.99 4.40 -8.43
CA ALA D 135 21.44 3.06 -8.21
C ALA D 135 20.51 3.11 -7.00
N ILE D 136 19.40 2.39 -7.10
CA ILE D 136 18.42 2.31 -6.03
C ILE D 136 18.06 0.86 -5.77
N ASP D 137 17.49 0.61 -4.59
CA ASP D 137 16.87 -0.67 -4.27
C ASP D 137 15.44 -0.58 -4.79
N ALA D 138 15.21 -1.14 -5.97
CA ALA D 138 13.90 -1.15 -6.61
C ALA D 138 13.19 -2.48 -6.45
N GLY D 139 13.71 -3.37 -5.61
CA GLY D 139 13.22 -4.73 -5.53
C GLY D 139 12.02 -4.94 -4.64
N HIS D 140 10.92 -4.24 -4.93
CA HIS D 140 9.72 -4.35 -4.12
C HIS D 140 8.50 -4.20 -5.02
N GLU D 141 7.43 -4.91 -4.67
CA GLU D 141 6.19 -4.83 -5.44
C GLU D 141 5.69 -3.39 -5.53
N SER D 142 5.81 -2.64 -4.44
CA SER D 142 5.32 -1.26 -4.44
C SER D 142 5.98 -0.44 -5.53
N PHE D 143 7.23 -0.75 -5.88
CA PHE D 143 7.91 0.00 -6.94
C PHE D 143 7.38 -0.39 -8.31
N LEU D 144 7.08 -1.67 -8.52
CA LEU D 144 6.47 -2.09 -9.77
C LEU D 144 5.15 -1.38 -10.00
N PHE D 145 4.32 -1.26 -8.96
CA PHE D 145 2.98 -0.76 -9.08
C PHE D 145 2.88 0.74 -8.81
N TYR D 146 4.01 1.41 -8.63
CA TYR D 146 3.99 2.84 -8.32
C TYR D 146 3.18 3.60 -9.37
N LYS D 147 2.34 4.52 -8.88
CA LYS D 147 1.52 5.36 -9.74
C LYS D 147 1.80 6.85 -9.59
N GLU D 148 1.96 7.34 -8.36
CA GLU D 148 2.08 8.78 -8.14
C GLU D 148 2.54 9.03 -6.71
N GLY D 149 2.84 10.29 -6.42
CA GLY D 149 3.24 10.69 -5.10
C GLY D 149 4.70 10.36 -4.86
N ILE D 150 5.13 10.55 -3.62
CA ILE D 150 6.53 10.36 -3.27
C ILE D 150 6.71 8.92 -2.78
N TYR D 151 7.47 8.14 -3.53
CA TYR D 151 7.71 6.75 -3.20
C TYR D 151 8.50 6.64 -1.90
N PHE D 152 7.95 5.89 -0.95
CA PHE D 152 8.62 5.59 0.31
C PHE D 152 8.29 4.14 0.66
N GLU D 153 9.32 3.31 0.74
CA GLU D 153 9.15 1.87 0.95
C GLU D 153 9.79 1.49 2.28
N PRO D 154 9.02 1.06 3.27
CA PRO D 154 9.62 0.76 4.58
C PRO D 154 10.78 -0.23 4.54
N ASP D 155 10.76 -1.18 3.62
CA ASP D 155 11.79 -2.22 3.55
C ASP D 155 12.92 -1.88 2.59
N CYS D 156 12.97 -0.65 2.08
CA CYS D 156 14.02 -0.27 1.16
C CYS D 156 15.38 -0.31 1.85
N SER D 157 16.39 -0.80 1.15
CA SER D 157 17.75 -0.85 1.66
C SER D 157 18.56 0.30 1.08
N SER D 158 19.38 0.92 1.93
CA SER D 158 20.34 1.91 1.47
C SER D 158 21.64 1.27 0.97
N GLU D 159 21.79 -0.05 1.13
CA GLU D 159 23.01 -0.75 0.78
C GLU D 159 22.84 -1.76 -0.35
N ASP D 160 21.67 -2.35 -0.52
CA ASP D 160 21.49 -3.44 -1.47
C ASP D 160 20.70 -2.97 -2.69
N MET D 161 21.29 -2.04 -3.44
CA MET D 161 20.65 -1.52 -4.64
C MET D 161 20.76 -2.54 -5.77
N ASP D 162 19.73 -2.56 -6.62
CA ASP D 162 19.67 -3.54 -7.70
C ASP D 162 19.24 -2.92 -9.03
N HIS D 163 19.15 -1.60 -9.12
CA HIS D 163 18.53 -0.98 -10.28
C HIS D 163 19.08 0.40 -10.56
N GLY D 164 19.54 0.63 -11.78
CA GLY D 164 20.16 1.88 -12.16
C GLY D 164 19.15 2.79 -12.82
N VAL D 165 19.07 4.04 -12.33
CA VAL D 165 18.13 5.02 -12.83
C VAL D 165 18.81 6.37 -12.97
N LEU D 166 18.03 7.42 -13.26
CA LEU D 166 18.57 8.74 -13.54
C LEU D 166 17.79 9.78 -12.76
N VAL D 167 18.48 10.54 -11.92
CA VAL D 167 17.85 11.66 -11.21
C VAL D 167 17.91 12.86 -12.14
N VAL D 168 16.74 13.37 -12.52
CA VAL D 168 16.63 14.50 -13.42
C VAL D 168 16.17 15.75 -12.70
N GLY D 169 16.07 15.70 -11.37
CA GLY D 169 15.67 16.87 -10.61
C GLY D 169 15.27 16.47 -9.20
N TYR D 170 14.65 17.45 -8.53
CA TYR D 170 14.14 17.24 -7.18
C TYR D 170 13.20 18.40 -6.86
N GLY D 171 12.35 18.18 -5.88
CA GLY D 171 11.42 19.22 -5.48
C GLY D 171 10.71 18.87 -4.20
N PHE D 172 9.54 19.46 -4.01
CA PHE D 172 8.70 19.13 -2.87
C PHE D 172 7.24 19.24 -3.26
N GLU D 173 6.41 18.41 -2.64
CA GLU D 173 4.97 18.49 -2.73
C GLU D 173 4.43 19.25 -1.52
N SER D 174 3.19 19.72 -1.64
CA SER D 174 2.54 20.42 -0.54
C SER D 174 3.27 21.69 -0.16
N THR D 175 2.94 22.25 1.00
CA THR D 175 3.66 23.41 1.52
C THR D 175 5.13 23.05 1.71
N GLU D 176 5.99 24.07 1.61
CA GLU D 176 7.42 23.84 1.76
C GLU D 176 7.76 23.41 3.18
N SER D 177 7.07 23.98 4.17
CA SER D 177 7.37 23.68 5.57
C SER D 177 7.06 22.24 5.95
N ASP D 178 6.31 21.50 5.13
CA ASP D 178 6.05 20.09 5.41
C ASP D 178 7.24 19.20 5.12
N ASN D 179 8.26 19.71 4.41
CA ASN D 179 9.44 18.93 4.05
C ASN D 179 9.05 17.66 3.31
N ASN D 180 8.05 17.77 2.44
CA ASN D 180 7.59 16.66 1.63
C ASN D 180 8.37 16.65 0.31
N LYS D 181 9.64 16.25 0.43
CA LYS D 181 10.62 16.42 -0.63
C LYS D 181 10.89 15.12 -1.37
N TYR D 182 11.22 15.25 -2.66
CA TYR D 182 11.44 14.09 -3.50
C TYR D 182 12.57 14.32 -4.47
N TRP D 183 13.16 13.20 -4.90
CA TRP D 183 14.00 13.15 -6.09
C TRP D 183 13.12 12.81 -7.29
N LEU D 184 13.33 13.52 -8.38
CA LEU D 184 12.64 13.22 -9.64
C LEU D 184 13.50 12.27 -10.44
N VAL D 185 12.98 11.06 -10.69
CA VAL D 185 13.78 9.97 -11.22
C VAL D 185 13.16 9.46 -12.52
N LYS D 186 14.00 9.38 -13.55
CA LYS D 186 13.62 8.76 -14.81
C LYS D 186 13.97 7.28 -14.76
N ASN D 187 12.97 6.44 -15.05
CA ASN D 187 13.17 5.01 -15.14
C ASN D 187 13.25 4.59 -16.60
N SER D 188 13.56 3.31 -16.83
CA SER D 188 13.68 2.76 -18.17
C SER D 188 12.76 1.56 -18.35
N TRP D 189 11.55 1.66 -17.81
CA TRP D 189 10.56 0.59 -17.90
C TRP D 189 9.39 0.96 -18.81
N GLY D 190 9.58 1.94 -19.68
CA GLY D 190 8.50 2.43 -20.53
C GLY D 190 7.68 3.50 -19.85
N GLU D 191 6.97 4.27 -20.67
CA GLU D 191 6.17 5.36 -20.12
C GLU D 191 4.89 4.89 -19.47
N GLU D 192 4.51 3.62 -19.64
N GLU D 192 4.51 3.62 -19.64
CA GLU D 192 3.34 3.07 -18.97
CA GLU D 192 3.33 3.12 -18.95
C GLU D 192 3.61 2.80 -17.50
C GLU D 192 3.61 2.88 -17.47
N TRP D 193 4.85 2.57 -17.11
CA TRP D 193 5.20 2.41 -15.72
C TRP D 193 5.16 3.75 -14.99
N GLY D 194 4.69 3.74 -13.76
CA GLY D 194 4.81 4.91 -12.90
C GLY D 194 4.09 6.12 -13.47
N MET D 195 4.74 7.27 -13.36
N MET D 195 4.75 7.27 -13.36
CA MET D 195 4.16 8.55 -13.79
CA MET D 195 4.17 8.54 -13.79
C MET D 195 4.79 8.91 -15.13
C MET D 195 4.80 8.90 -15.14
N GLY D 196 4.26 8.31 -16.19
CA GLY D 196 4.84 8.47 -17.51
C GLY D 196 6.28 8.01 -17.57
N GLY D 197 6.64 6.98 -16.81
CA GLY D 197 7.99 6.48 -16.76
C GLY D 197 8.85 7.06 -15.67
N TYR D 198 8.31 7.99 -14.88
CA TYR D 198 9.05 8.70 -13.84
C TYR D 198 8.52 8.33 -12.47
N VAL D 199 9.34 8.60 -11.46
CA VAL D 199 8.98 8.36 -10.07
C VAL D 199 9.60 9.43 -9.22
N LYS D 200 8.82 9.92 -8.25
CA LYS D 200 9.30 10.79 -7.20
C LYS D 200 9.74 9.91 -6.04
N MET D 201 10.99 10.01 -5.64
N MET D 201 11.02 9.98 -5.67
CA MET D 201 11.55 9.14 -4.62
CA MET D 201 11.60 9.15 -4.64
C MET D 201 11.88 9.94 -3.37
C MET D 201 11.83 9.97 -3.38
N ALA D 202 11.52 9.38 -2.22
CA ALA D 202 11.74 10.03 -0.93
C ALA D 202 13.12 10.67 -0.87
N LYS D 203 13.15 11.93 -0.46
CA LYS D 203 14.38 12.70 -0.38
C LYS D 203 14.63 13.14 1.06
N ASP D 204 15.91 13.11 1.45
CA ASP D 204 16.37 13.58 2.74
C ASP D 204 15.82 12.75 3.88
N ARG D 205 15.62 11.45 3.63
CA ARG D 205 15.26 10.50 4.68
C ARG D 205 16.40 9.52 4.88
N ARG D 206 17.62 10.06 5.06
CA ARG D 206 18.83 9.27 5.29
C ARG D 206 19.05 8.25 4.17
N ASN D 207 19.08 8.77 2.94
CA ASN D 207 19.48 7.97 1.77
C ASN D 207 18.50 6.82 1.53
N HIS D 208 17.23 7.16 1.48
CA HIS D 208 16.19 6.15 1.27
C HIS D 208 16.44 5.42 -0.05
N CYS D 209 16.39 4.09 0.03
CA CYS D 209 16.57 3.20 -1.11
C CYS D 209 17.96 3.28 -1.73
N GLY D 210 18.89 3.94 -1.05
CA GLY D 210 20.27 3.99 -1.52
C GLY D 210 20.53 4.94 -2.65
N ILE D 211 19.64 5.91 -2.88
CA ILE D 211 19.71 6.73 -4.09
C ILE D 211 21.01 7.51 -4.16
N ALA D 212 21.63 7.81 -3.02
CA ALA D 212 22.89 8.54 -3.00
C ALA D 212 24.09 7.63 -2.75
N SER D 213 23.87 6.31 -2.71
CA SER D 213 24.94 5.39 -2.36
C SER D 213 25.91 5.13 -3.52
N ALA D 214 25.48 5.33 -4.76
CA ALA D 214 26.31 5.06 -5.92
C ALA D 214 25.92 6.02 -7.04
N ALA D 215 26.10 7.30 -6.80
CA ALA D 215 25.74 8.34 -7.75
C ALA D 215 27.00 8.86 -8.43
N SER D 216 26.90 9.09 -9.74
CA SER D 216 28.04 9.55 -10.53
C SER D 216 27.54 10.18 -11.82
N TYR D 217 28.45 10.87 -12.50
CA TYR D 217 28.16 11.44 -13.82
C TYR D 217 29.43 11.44 -14.64
N PRO D 218 29.31 11.41 -15.97
CA PRO D 218 30.50 11.46 -16.83
C PRO D 218 31.04 12.87 -16.94
N THR D 219 32.34 12.94 -17.20
CA THR D 219 33.03 14.20 -17.47
C THR D 219 33.20 14.35 -18.97
N VAL D 220 32.54 15.35 -19.56
CA VAL D 220 32.56 15.53 -21.01
C VAL D 220 33.40 16.73 -21.41
N1 L3F E . -24.29 19.93 0.13
C4 L3F E . -23.61 18.68 -1.86
C5 L3F E . -22.93 17.90 -4.10
C6 L3F E . -22.57 18.96 -5.15
C7 L3F E . -23.09 20.34 -4.82
C8 L3F E . -22.29 21.24 -4.13
C10 L3F E . -24.07 22.86 -4.16
C13 L3F E . -22.20 16.60 -4.34
C15 L3F E . -25.98 22.68 1.26
C17 L3F E . -28.40 22.00 1.03
C20 L3F E . -28.37 22.53 -1.67
C21 L3F E . -27.24 22.73 -0.91
N L3F E . -22.66 18.42 -2.76
C L3F E . -23.27 17.22 0.77
O L3F E . -24.80 18.40 -2.02
C1 L3F E . -22.39 18.37 0.34
C11 L3F E . -24.86 21.97 -4.85
C12 L3F E . -24.38 20.71 -5.19
C14 L3F E . -24.30 21.21 0.54
C16 L3F E . -27.23 22.47 0.45
C18 L3F E . -29.54 21.78 0.27
C19 L3F E . -29.53 22.05 -1.08
C2 L3F E . -21.80 19.06 1.55
C3 L3F E . -23.15 19.36 -0.57
C9 L3F E . -22.78 22.50 -3.80
O1 L3F E . -22.52 16.03 -5.60
O2 L3F E . -23.51 22.06 0.17
O3 L3F E . -25.29 21.42 1.41
H20 L3F E . -25.11 19.36 0.31
H1 L3F E . -24.00 17.71 -4.18
H11 L3F E . -22.93 18.64 -6.13
H10 L3F E . -21.48 18.98 -5.27
H12 L3F E . -21.29 20.98 -3.83
H14 L3F E . -24.45 23.84 -3.90
H17 L3F E . -21.12 16.73 -4.39
H21 L3F E . -26.15 23.01 2.30
H22 L3F E . -25.24 23.34 0.81
H23 L3F E . -28.42 21.78 2.10
H26 L3F E . -28.36 22.74 -2.74
H27 L3F E . -26.33 23.11 -1.39
H9 L3F E . -21.68 18.56 -2.54
H3 L3F E . -23.83 16.80 -0.07
H2 L3F E . -24.00 17.54 1.51
H4 L3F E . -22.69 16.40 1.20
H5 L3F E . -21.56 17.95 -0.24
H15 L3F E . -25.86 22.25 -5.15
H16 L3F E . -25.01 20.03 -5.74
H24 L3F E . -30.44 21.40 0.75
H25 L3F E . -30.42 21.88 -1.68
H6 L3F E . -22.48 19.83 1.93
H8 L3F E . -20.86 19.56 1.30
H7 L3F E . -21.60 18.36 2.35
H L3F E . -22.45 20.14 -0.83
H13 L3F E . -22.16 23.19 -3.26
H19 L3F E . -23.49 16.17 -5.75
C1 PEG F . -17.35 14.52 -11.63
O1 PEG F . -16.53 15.69 -11.59
C2 PEG F . -18.81 14.87 -11.60
O2 PEG F . -19.09 15.65 -10.44
C3 PEG F . -20.48 15.67 -10.13
C4 PEG F . -21.10 17.02 -10.48
O4 PEG F . -21.20 17.85 -9.35
H11 PEG F . -17.13 13.95 -12.53
H12 PEG F . -17.11 13.89 -10.78
HO1 PEG F . -17.08 16.43 -11.22
H21 PEG F . -19.41 13.96 -11.60
H22 PEG F . -19.08 15.42 -12.50
H31 PEG F . -21.00 14.88 -10.68
H32 PEG F . -20.64 15.46 -9.08
H41 PEG F . -20.50 17.58 -11.20
H42 PEG F . -22.10 16.95 -10.88
HO4 PEG F . -21.13 18.80 -9.66
C1 PGE G . -41.52 -8.37 -2.81
O1 PGE G . -42.03 -7.47 -3.80
C2 PGE G . -41.70 -7.76 -1.44
O2 PGE G . -42.75 -8.44 -0.76
C3 PGE G . -42.92 -7.99 0.58
C4 PGE G . -43.83 -8.97 1.31
O4 PGE G . -47.52 -9.96 -1.37
C6 PGE G . -47.19 -9.57 -0.05
C5 PGE G . -45.72 -9.84 0.19
O3 PGE G . -45.16 -8.75 0.90
H1 PGE G . -42.03 -9.34 -2.83
H12 PGE G . -40.44 -8.55 -2.95
HO1 PGE G . -41.31 -7.21 -4.36
H2 PGE G . -40.76 -7.84 -0.87
H22 PGE G . -41.94 -6.69 -1.54
H3 PGE G . -41.94 -7.95 1.10
H32 PGE G . -43.36 -6.99 0.61
H4 PGE G . -43.51 -10.01 1.07
H42 PGE G . -43.72 -8.83 2.39
HO4 PGE G . -46.82 -9.66 -1.97
H6 PGE G . -47.78 -10.14 0.69
H62 PGE G . -47.39 -8.50 0.12
H5 PGE G . -45.23 -9.99 -0.78
H52 PGE G . -45.62 -10.77 0.77
O1 PG4 H . -40.55 -2.02 -8.29
C1 PG4 H . -41.11 -0.75 -7.99
C2 PG4 H . -40.40 0.33 -8.72
O2 PG4 H . -40.36 1.51 -7.91
C3 PG4 H . -40.29 2.70 -8.69
C4 PG4 H . -38.92 2.84 -9.26
O3 PG4 H . -38.97 3.41 -10.57
C5 PG4 H . -39.30 2.49 -11.60
C6 PG4 H . -38.15 1.55 -11.88
O4 PG4 H . -38.25 0.42 -11.02
C7 PG4 H . -38.20 -0.82 -11.70
C8 PG4 H . -36.79 -1.12 -12.15
O5 PG4 H . -36.65 -2.45 -12.59
HO1 PG4 H . -41.30 -2.67 -8.36
H11 PG4 H . -42.17 -0.74 -8.25
H12 PG4 H . -41.06 -0.58 -6.91
H21 PG4 H . -39.39 0.00 -8.96
H22 PG4 H . -40.90 0.52 -9.66
H31 PG4 H . -41.03 2.67 -9.49
H32 PG4 H . -40.53 3.57 -8.08
H41 PG4 H . -38.32 3.45 -8.60
H42 PG4 H . -38.44 1.86 -9.29
H51 PG4 H . -40.18 1.92 -11.31
H52 PG4 H . -39.56 3.03 -12.50
H61 PG4 H . -38.16 1.26 -12.92
H62 PG4 H . -37.21 2.08 -11.71
H71 PG4 H . -38.59 -1.61 -11.06
H72 PG4 H . -38.87 -0.79 -12.57
H81 PG4 H . -36.45 -0.50 -12.97
H82 PG4 H . -36.06 -1.00 -11.34
HO5 PG4 H . -35.98 -2.45 -13.31
N1 L3F I . -0.44 4.99 23.75
C4 L3F I . 0.46 4.31 25.92
C5 L3F I . 0.93 3.70 28.27
C6 L3F I . -0.24 3.52 29.25
C7 L3F I . -1.47 4.27 28.82
C8 L3F I . -2.47 3.63 28.09
C10 L3F I . -3.72 5.66 27.95
C13 L3F I . 2.12 2.82 28.64
C15 L3F I . -2.77 7.26 22.81
C17 L3F I . -1.64 9.50 22.42
C20 L3F I . -1.88 10.16 25.10
C21 L3F I . -2.36 8.95 24.64
N L3F I . 0.49 3.40 26.91
C L3F I . 1.99 3.28 23.52
O L3F I . 0.95 5.42 26.04
C1 L3F I . 0.62 2.76 23.93
C11 L3F I . -2.75 6.31 28.67
C12 L3F I . -1.63 5.61 29.11
C14 L3F I . -1.67 5.23 23.23
C16 L3F I . -2.24 8.59 23.29
C18 L3F I . -1.17 10.71 22.89
C19 L3F I . -1.29 11.04 24.22
C2 L3F I . -0.11 2.20 22.74
C3 L3F I . -0.21 3.87 24.63
C9 L3F I . -3.59 4.33 27.66
O1 L3F I . 2.69 3.23 29.87
O2 L3F I . -2.63 4.52 23.39
O3 L3F I . -1.66 6.38 22.53
H20 L3F I . 0.33 5.62 23.50
H1 L3F I . 1.25 4.74 28.31
H11 L3F I . 0.07 3.84 30.24
H10 L3F I . -0.46 2.47 29.37
H12 L3F I . -2.38 2.57 27.86
H14 L3F I . -4.60 6.20 27.60
H17 L3F I . 1.83 1.78 28.82
H21 L3F I . -3.30 7.31 21.86
H22 L3F I . -3.37 6.71 23.52
H23 L3F I . -1.54 9.24 21.37
H26 L3F I . -1.98 10.42 26.15
H27 L3F I . -2.83 8.26 25.34
H9 L3F I . 0.20 2.44 26.74
H3 L3F I . 2.50 3.78 24.35
H2 L3F I . 1.91 4.01 22.71
H4 L3F I . 2.63 2.48 23.18
H5 L3F I . 0.77 1.95 24.63
H15 L3F I . -2.85 7.37 28.90
H16 L3F I . -0.87 6.14 29.68
H24 L3F I . -0.70 11.40 22.19
H25 L3F I . -0.93 12.01 24.58
H6 L3F I . -1.07 2.70 22.59
H8 L3F I . -0.31 1.13 22.87
H7 L3F I . 0.47 2.31 21.82
H L3F I . -1.17 3.43 24.90
H13 L3F I . -4.36 3.80 27.10
H19 L3F I . 2.32 4.12 30.09
C1 PEG J . 1.35 3.09 34.31
O1 PEG J . -0.02 2.83 34.01
C2 PEG J . 1.83 2.26 35.45
O2 PEG J . 2.21 0.99 34.96
C3 PEG J . 3.11 0.30 35.84
C4 PEG J . 2.83 -1.18 35.79
O4 PEG J . 1.45 -1.46 35.66
H11 PEG J . 1.96 2.90 33.43
H12 PEG J . 1.47 4.15 34.55
HO1 PEG J . -0.23 3.29 33.15
H21 PEG J . 1.04 2.16 36.20
H22 PEG J . 2.67 2.75 35.95
H31 PEG J . 4.13 0.51 35.56
H32 PEG J . 2.98 0.68 36.85
H41 PEG J . 3.30 -1.68 34.94
H42 PEG J . 3.15 -1.71 36.69
HO4 PEG J . 1.17 -1.95 36.47
C1 PEG K . 12.82 15.84 5.27
O1 PEG K . 13.43 16.50 6.38
C2 PEG K . 11.59 15.09 5.66
O2 PEG K . 11.67 14.68 7.02
C3 PEG K . 10.47 14.08 7.48
C4 PEG K . 9.49 15.13 7.93
O4 PEG K . 10.07 16.06 8.81
H11 PEG K . 12.57 16.59 4.51
H12 PEG K . 13.54 15.16 4.82
HO1 PEG K . 14.15 17.07 6.04
H21 PEG K . 10.71 15.71 5.50
H22 PEG K . 11.47 14.23 5.01
H31 PEG K . 10.03 13.47 6.69
H32 PEG K . 10.70 13.39 8.30
H41 PEG K . 9.08 15.73 7.11
H42 PEG K . 8.62 14.72 8.47
HO4 PEG K . 9.77 16.97 8.53
C1 PEG L . 22.45 18.43 31.25
O1 PEG L . 23.72 18.61 31.89
C2 PEG L . 21.32 18.80 32.15
O2 PEG L . 20.12 18.21 31.67
C3 PEG L . 19.02 18.43 32.53
C4 PEG L . 18.75 17.17 33.33
O4 PEG L . 18.13 17.47 34.57
H11 PEG L . 22.41 19.01 30.34
H12 PEG L . 22.35 17.37 30.96
HO1 PEG L . 23.68 19.48 32.37
H21 PEG L . 21.53 18.48 33.16
H22 PEG L . 21.22 19.88 32.18
H31 PEG L . 19.23 19.26 33.21
H32 PEG L . 18.14 18.71 31.97
H41 PEG L . 18.09 16.47 32.83
H42 PEG L . 19.66 16.63 33.60
HO4 PEG L . 18.78 17.97 35.12
C1 PEG M . 24.11 12.90 18.25
O1 PEG M . 23.73 14.00 17.44
C2 PEG M . 25.38 12.27 17.78
O2 PEG M . 25.09 11.19 16.91
C3 PEG M . 25.50 11.42 15.57
C4 PEG M . 25.09 10.26 14.70
O4 PEG M . 25.23 10.57 13.33
H11 PEG M . 24.23 13.24 19.28
H12 PEG M . 23.32 12.16 18.25
HO1 PEG M . 22.73 13.97 17.35
H21 PEG M . 25.99 13.01 17.26
H22 PEG M . 25.96 11.93 18.63
H31 PEG M . 25.05 12.34 15.20
H32 PEG M . 26.58 11.56 15.52
H41 PEG M . 25.68 9.37 14.86
H42 PEG M . 24.05 9.98 14.81
HO4 PEG M . 24.66 11.35 13.14
N1 L3F N . -0.42 -22.68 -12.38
C4 L3F N . 0.30 -20.65 -11.19
C5 L3F N . 1.31 -18.66 -10.14
C6 L3F N . 2.75 -18.28 -10.50
C7 L3F N . 3.61 -19.46 -10.90
C8 L3F N . 3.59 -19.94 -12.20
C10 L3F N . 5.20 -21.63 -11.63
C13 L3F N . 0.48 -17.42 -9.82
C15 L3F N . 1.25 -25.67 -12.87
C17 L3F N . 0.56 -27.68 -11.51
C20 L3F N . 2.33 -27.03 -9.50
C21 L3F N . 2.24 -26.24 -10.63
N L3F N . 0.68 -19.38 -11.25
C L3F N . -2.61 -20.65 -11.79
O L3F N . 0.36 -21.33 -10.16
C1 L3F N . -1.56 -20.54 -12.89
C11 L3F N . 5.22 -21.17 -10.33
C12 L3F N . 4.43 -20.09 -9.97
C14 L3F N . 0.31 -23.53 -13.13
C16 L3F N . 1.35 -26.55 -11.65
C18 L3F N . 0.65 -28.46 -10.38
C19 L3F N . 1.55 -28.14 -9.37
C2 L3F N . -2.10 -21.07 -14.20
C3 L3F N . -0.25 -21.25 -12.48
C9 L3F N . 4.38 -21.02 -12.56
O1 L3F N . 1.02 -16.71 -8.72
O2 L3F N . 1.05 -23.19 -14.04
O3 L3F N . 0.10 -24.80 -12.74
H20 L3F N . -1.10 -23.06 -11.73
H1 L3F N . 1.35 -19.31 -9.27
H11 L3F N . 3.21 -17.75 -9.67
H10 L3F N . 2.75 -17.55 -11.31
H12 L3F N . 2.95 -19.48 -12.94
H14 L3F N . 5.82 -22.49 -11.92
H17 L3F N . 0.50 -16.69 -10.63
H21 L3F N . 1.06 -26.20 -13.81
H22 L3F N . 2.08 -24.99 -13.02
H23 L3F N . -0.14 -27.95 -12.30
H26 L3F N . 3.03 -26.76 -8.72
H27 L3F N . 2.88 -25.36 -10.72
H9 L3F N . 0.56 -18.83 -12.10
H3 L3F N . -2.20 -21.11 -10.89
H2 L3F N . -3.46 -21.24 -12.12
H4 L3F N . -2.98 -19.67 -11.51
H5 L3F N . -1.36 -19.47 -13.04
H15 L3F N . 5.86 -21.64 -9.59
H16 L3F N . 4.46 -19.73 -8.94
H24 L3F N . 0.02 -29.35 -10.27
H25 L3F N . 1.61 -28.76 -8.48
H6 L3F N . -2.06 -22.16 -14.23
H8 L3F N . -1.52 -20.70 -15.05
H7 L3F N . -3.14 -20.77 -14.36
H L3F N . 0.48 -21.04 -13.26
H13 L3F N . 4.36 -21.39 -13.59
H19 L3F N . 1.49 -17.35 -8.14
C1 PEG O . -28.62 -15.17 -3.33
O1 PEG O . -27.67 -14.33 -2.67
C2 PEG O . -29.57 -15.79 -2.36
O2 PEG O . -28.84 -16.54 -1.39
C3 PEG O . -29.60 -17.56 -0.77
C4 PEG O . -30.37 -17.00 0.40
O4 PEG O . -30.61 -17.98 1.37
H11 PEG O . -29.18 -14.59 -4.06
H12 PEG O . -28.09 -15.95 -3.88
HO1 PEG O . -28.12 -13.46 -2.52
H21 PEG O . -30.28 -16.43 -2.88
H22 PEG O . -30.16 -15.02 -1.87
H31 PEG O . -30.28 -18.01 -1.49
H32 PEG O . -28.95 -18.37 -0.44
H41 PEG O . -29.86 -16.19 0.91
H42 PEG O . -31.36 -16.62 0.13
HO4 PEG O . -29.95 -17.84 2.10
C1 PEG P . -8.25 -21.45 13.98
O1 PEG P . -8.32 -20.90 15.30
C2 PEG P . -7.13 -22.43 13.86
O2 PEG P . -6.49 -22.24 12.60
C3 PEG P . -5.08 -22.42 12.63
C4 PEG P . -4.43 -21.38 11.77
O4 PEG P . -3.43 -20.67 12.48
H11 PEG P . -9.19 -21.95 13.76
H12 PEG P . -8.13 -20.65 13.26
HO1 PEG P . -7.90 -21.56 15.92
H21 PEG P . -6.41 -22.29 14.67
H22 PEG P . -7.49 -23.45 13.95
H31 PEG P . -4.72 -22.36 13.65
H32 PEG P . -4.83 -23.42 12.28
H41 PEG P . -3.93 -21.79 10.90
H42 PEG P . -5.13 -20.62 11.41
HO4 PEG P . -2.56 -21.03 12.19
O1 P6G Q . 5.21 -9.85 -10.25
C2 P6G Q . 4.01 -9.24 -9.78
C3 P6G Q . 3.50 -9.90 -8.55
O4 P6G Q . 3.57 -11.31 -8.69
C5 P6G Q . 3.68 -11.98 -7.45
C6 P6G Q . 4.86 -12.89 -7.45
O7 P6G Q . 4.59 -14.04 -8.25
C8 P6G Q . 5.75 -14.70 -8.71
C9 P6G Q . 5.36 -15.81 -9.63
O10 P6G Q . 4.74 -15.29 -10.79
C11 P6G Q . 5.10 -15.99 -11.98
C12 P6G Q . 4.30 -15.47 -13.14
O13 P6G Q . 3.78 -14.19 -12.80
C14 P6G Q . 3.47 -13.38 -13.92
C15 P6G Q . 4.09 -12.03 -13.73
O16 P6G Q . 5.18 -11.86 -14.62
C17 P6G Q . 5.40 -10.51 -14.97
C18 P6G Q . 6.81 -10.33 -15.47
O19 P6G Q . 7.63 -11.43 -15.12
H1 P6G Q . 5.78 -9.13 -10.62
H21 P6G Q . 4.20 -8.18 -9.59
H22 P6G Q . 3.25 -9.28 -10.57
H31 P6G Q . 4.07 -9.55 -7.69
H32 P6G Q . 2.47 -9.58 -8.37
H51 P6G Q . 3.77 -11.27 -6.63
H52 P6G Q . 2.77 -12.55 -7.26
H61 P6G Q . 5.73 -12.34 -7.83
H62 P6G Q . 5.10 -13.17 -6.43
H81 P6G Q . 6.41 -14.00 -9.23
H82 P6G Q . 6.33 -15.08 -7.87
H91 P6G Q . 6.25 -16.40 -9.88
H92 P6G Q . 4.69 -16.49 -9.09
H111 P6G Q . 6.17 -15.87 -12.18
H112 P6G Q . 4.94 -17.05 -11.85
H121 P6G Q . 4.92 -15.42 -14.02
H122 P6G Q . 3.50 -16.17 -13.37
H141 P6G Q . 3.83 -13.84 -14.83
H142 P6G Q . 2.39 -13.29 -14.02
H151 P6G Q . 3.34 -11.25 -13.90
H152 P6G Q . 4.41 -11.91 -12.70
H171 P6G Q . 4.68 -10.21 -15.73
H172 P6G Q . 5.22 -9.86 -14.12
H181 P6G Q . 6.89 -10.27 -16.56
H182 P6G Q . 7.31 -9.45 -15.07
H19 P6G Q . 8.56 -11.13 -15.19
N1 L3F R . 24.25 -3.55 -10.93
C4 L3F R . 22.16 -3.81 -12.21
C5 L3F R . 20.01 -4.35 -13.32
C6 L3F R . 19.31 -5.66 -12.91
C7 L3F R . 20.26 -6.68 -12.34
C8 L3F R . 20.63 -6.65 -11.00
C10 L3F R . 22.11 -8.50 -11.31
C13 L3F R . 19.00 -3.30 -13.74
C15 L3F R . 26.89 -5.42 -9.85
C17 L3F R . 28.92 -5.33 -11.36
C20 L3F R . 27.67 -6.89 -13.26
C21 L3F R . 27.02 -6.57 -12.08
N L3F R . 20.82 -3.85 -12.21
C L3F R . 23.01 -0.93 -11.77
O L3F R . 22.85 -4.12 -13.19
C1 L3F R . 22.48 -1.83 -10.67
C11 L3F R . 21.75 -8.55 -12.65
C12 L3F R . 20.84 -7.65 -13.17
C14 L3F R . 24.84 -4.25 -9.96
C16 L3F R . 27.62 -5.79 -11.11
C18 L3F R . 29.58 -5.64 -12.53
C19 L3F R . 28.95 -6.42 -13.49
C2 L3F R . 22.98 -1.37 -9.32
C3 L3F R . 22.81 -3.32 -10.92
C9 L3F R . 21.54 -7.55 -10.50
O1 L3F R . 18.25 -3.74 -14.86
O2 L3F R . 24.26 -4.89 -9.10
O3 L3F R . 26.19 -4.18 -10.07
H20 L3F R . 24.82 -3.17 -11.68
H1 L3F R . 20.67 -4.57 -14.15
H11 L3F R . 18.78 -6.07 -13.77
H10 L3F R . 18.53 -5.44 -12.19
H12 L3F R . 20.19 -5.90 -10.33
H14 L3F R . 22.82 -9.22 -10.91
H17 L3F R . 18.23 -3.12 -12.99
H21 L3F R . 27.53 -5.21 -9.00
H22 L3F R . 26.11 -6.11 -9.55
H23 L3F R . 29.42 -4.71 -10.61
H26 L3F R . 27.17 -7.51 -14.01
H27 L3F R . 26.01 -6.95 -11.92
H9 L3F R . 20.30 -3.52 -11.40
H3 L3F R . 22.86 -1.37 -12.75
H2 L3F R . 24.07 -0.74 -11.64
H4 L3F R . 22.51 0.03 -11.76
H5 L3F R . 21.38 -1.73 -10.66
H15 L3F R . 22.19 -9.30 -13.30
H16 L3F R . 20.56 -7.70 -14.21
H24 L3F R . 30.58 -5.27 -12.71
H25 L3F R . 29.46 -6.67 -14.42
H6 L3F R . 23.98 -1.74 -9.12
H8 L3F R . 22.33 -1.74 -8.51
H7 L3F R . 23.00 -0.29 -9.25
H L3F R . 22.38 -3.89 -10.11
H13 L3F R . 21.81 -7.52 -9.44
H19 L3F R . 18.86 -4.24 -15.45
O1 P6G S . 10.28 -6.93 -13.30
C2 P6G S . 10.01 -6.50 -14.63
C3 P6G S . 10.55 -5.14 -14.88
O4 P6G S . 11.97 -5.19 -14.82
C5 P6G S . 12.57 -5.47 -16.08
C6 P6G S . 14.02 -5.78 -15.89
O7 P6G S . 14.18 -7.10 -15.36
C8 P6G S . 15.52 -7.43 -15.02
C9 P6G S . 15.58 -7.91 -13.61
O10 P6G S . 16.26 -6.96 -12.80
C11 P6G S . 16.31 -7.31 -11.43
C12 P6G S . 16.18 -6.08 -10.60
O13 P6G S . 14.85 -5.98 -10.10
C14 P6G S . 14.44 -4.66 -9.81
C15 P6G S . 12.95 -4.63 -9.72
O16 P6G S . 12.53 -5.68 -8.87
C17 P6G S . 11.13 -5.66 -8.57
C18 P6G S . 10.70 -7.02 -8.10
O19 P6G S . 9.44 -6.99 -7.48
H1 P6G S . 10.18 -7.92 -13.27
H21 P6G S . 10.46 -7.21 -15.34
H22 P6G S . 8.94 -6.52 -14.81
H31 P6G S . 10.21 -4.79 -15.85
H32 P6G S . 10.15 -4.45 -14.15
H51 P6G S . 12.07 -6.31 -16.55
H52 P6G S . 12.47 -4.62 -16.75
H61 P6G S . 14.54 -5.68 -16.85
H62 P6G S . 14.47 -5.04 -15.23
H81 P6G S . 15.89 -8.19 -15.70
H82 P6G S . 16.15 -6.56 -15.16
H91 P6G S . 14.57 -8.07 -13.24
H92 P6G S . 16.08 -8.88 -13.58
H111 P6G S . 15.51 -8.02 -11.20
H112 P6G S . 17.25 -7.83 -11.21
H121 P6G S . 16.90 -6.10 -9.78
H122 P6G S . 16.44 -5.20 -11.20
H141 P6G S . 14.89 -4.31 -8.88
H142 P6G S . 14.79 -3.98 -10.59
H151 P6G S . 12.61 -3.67 -9.35
H152 P6G S . 12.51 -4.75 -10.71
H171 P6G S . 10.93 -4.90 -7.83
H172 P6G S . 10.58 -5.37 -9.47
H181 P6G S . 10.61 -7.76 -8.89
H182 P6G S . 11.37 -7.45 -7.35
H19 P6G S . 9.36 -7.81 -6.92
#